data_2YYE
#
_entry.id   2YYE
#
_cell.length_a   80.536
_cell.length_b   80.536
_cell.length_c   160.641
_cell.angle_alpha   90.00
_cell.angle_beta   90.00
_cell.angle_gamma   120.00
#
_symmetry.space_group_name_H-M   'P 31 2 1'
#
loop_
_entity.id
_entity.type
_entity.pdbx_description
1 polymer 'Selenide, water dikinase'
2 non-polymer 'COBALT (II) ION'
3 non-polymer 'DIPHOSPHOMETHYLPHOSPHONIC ACID ADENOSYL ESTER'
4 non-polymer 'PHOSPHATE ION'
5 water water
#
_entity_poly.entity_id   1
_entity_poly.type   'polypeptide(L)'
_entity_poly.pdbx_seq_one_letter_code
;GSGGIEGRHMVELLKLVRSSGCAAKVGPGDLQEILKGFNIYTDESTLVSIGDDAGVYEHNGIIWVYTVDIITPVVNDPYL
WGAISTANALSDVYAMGGIPVNALAISCFNNCELDIEIFREVIRGALDKLREAKTVLLGGHTIDDKEPKFGLSVAGICPE
GKYITQSGAQVGQLLILTKPIGTGILIKGLKEGILKEEDINEAIENMLALNDKARNLMLSLDATACTDVTGFGLLGHAWN
ICKNSNIGARIFFEKVPYYQLSENLVKKKIYPKGAIENLNFVKNYLKSNLDNWKLILLSDPVTSGGLLFTINKEKLEKID
ETAKELEVNYWIIGETIAENVLEVL
;
_entity_poly.pdbx_strand_id   A,B
#
# COMPACT_ATOMS: atom_id res chain seq x y z
N GLY A 3 -35.60 17.15 -10.09
CA GLY A 3 -35.46 18.63 -10.05
C GLY A 3 -34.04 19.11 -10.21
N GLY A 4 -33.69 20.19 -9.50
CA GLY A 4 -32.35 20.75 -9.59
C GLY A 4 -32.20 21.67 -10.79
N ILE A 5 -32.27 22.99 -10.55
CA ILE A 5 -32.14 23.97 -11.62
C ILE A 5 -30.68 24.12 -12.06
N MET A 10 -19.67 19.14 -12.15
CA MET A 10 -18.50 18.24 -12.35
C MET A 10 -18.61 16.90 -11.62
N VAL A 11 -17.55 16.10 -11.69
CA VAL A 11 -17.50 14.79 -11.04
C VAL A 11 -17.76 14.89 -9.54
N GLU A 12 -18.45 13.90 -9.00
CA GLU A 12 -18.77 13.88 -7.58
C GLU A 12 -18.23 12.64 -6.88
N LEU A 13 -16.91 12.63 -6.65
CA LEU A 13 -16.25 11.49 -6.02
C LEU A 13 -16.83 11.03 -4.69
N LEU A 14 -17.24 11.98 -3.84
CA LEU A 14 -17.78 11.65 -2.51
C LEU A 14 -18.99 10.73 -2.48
N LYS A 15 -19.82 10.79 -3.51
CA LYS A 15 -21.01 9.93 -3.53
C LYS A 15 -20.66 8.46 -3.80
N LEU A 16 -19.39 8.19 -4.10
CA LEU A 16 -18.93 6.82 -4.35
C LEU A 16 -18.30 6.21 -3.10
N VAL A 17 -18.44 6.91 -1.99
CA VAL A 17 -17.92 6.46 -0.71
C VAL A 17 -19.14 6.11 0.15
N ARG A 18 -19.10 4.99 0.86
CA ARG A 18 -20.23 4.58 1.70
C ARG A 18 -20.67 5.68 2.69
N SER A 19 -21.92 6.12 2.54
CA SER A 19 -22.56 7.19 3.32
C SER A 19 -22.20 7.38 4.80
N SER A 20 -22.07 8.66 5.21
CA SER A 20 -21.76 9.06 6.58
C SER A 20 -20.50 8.37 7.10
N GLY A 21 -19.34 8.78 6.61
CA GLY A 21 -18.10 8.13 7.01
C GLY A 21 -17.32 8.60 8.22
N CYS A 22 -16.00 8.64 8.03
CA CYS A 22 -15.03 9.03 9.05
C CYS A 22 -13.74 9.41 8.33
N ALA A 23 -12.93 8.39 8.04
CA ALA A 23 -11.66 8.50 7.35
C ALA A 23 -11.36 7.09 6.85
N ALA A 24 -12.41 6.27 6.85
CA ALA A 24 -12.38 4.87 6.40
C ALA A 24 -11.52 3.90 7.23
N LYS A 25 -10.83 4.40 8.26
CA LYS A 25 -10.00 3.56 9.12
C LYS A 25 -10.84 2.50 9.85
N VAL A 26 -10.17 1.53 10.49
CA VAL A 26 -10.89 0.48 11.21
C VAL A 26 -10.61 0.40 12.71
N GLY A 27 -10.93 1.46 13.45
CA GLY A 27 -10.72 1.41 14.89
C GLY A 27 -9.40 1.91 15.45
N PRO A 28 -9.46 2.58 16.62
CA PRO A 28 -8.30 3.14 17.34
C PRO A 28 -7.41 2.11 18.04
N GLY A 29 -6.71 2.57 19.09
CA GLY A 29 -5.80 1.74 19.88
C GLY A 29 -5.87 0.22 19.76
N ASP A 30 -7.07 -0.33 19.87
CA ASP A 30 -7.28 -1.78 19.76
C ASP A 30 -6.51 -2.37 18.57
N LEU A 31 -6.28 -1.54 17.55
CA LEU A 31 -5.55 -1.95 16.35
C LEU A 31 -4.14 -2.40 16.71
N GLN A 32 -3.27 -1.44 17.02
CA GLN A 32 -1.88 -1.73 17.39
C GLN A 32 -1.78 -2.66 18.60
N GLU A 33 -2.93 -3.02 19.17
CA GLU A 33 -2.96 -3.91 20.32
C GLU A 33 -3.04 -5.36 19.83
N ILE A 34 -3.79 -5.56 18.75
CA ILE A 34 -3.94 -6.88 18.13
C ILE A 34 -2.54 -7.32 17.72
N LEU A 35 -1.91 -6.49 16.90
CA LEU A 35 -0.57 -6.73 16.39
C LEU A 35 0.41 -7.12 17.52
N LYS A 36 0.22 -6.50 18.68
CA LYS A 36 1.09 -6.73 19.82
C LYS A 36 1.07 -8.19 20.31
N GLY A 37 -0.05 -8.87 20.11
CA GLY A 37 -0.13 -10.25 20.54
C GLY A 37 0.60 -11.26 19.66
N PHE A 38 1.19 -10.80 18.57
CA PHE A 38 1.89 -11.69 17.65
C PHE A 38 3.41 -11.74 17.85
N ASN A 39 4.03 -12.80 17.34
CA ASN A 39 5.47 -12.95 17.41
C ASN A 39 6.02 -12.50 16.03
N ILE A 40 6.48 -11.26 15.98
CA ILE A 40 6.99 -10.65 14.75
C ILE A 40 8.49 -10.79 14.59
N TYR A 41 8.91 -11.26 13.43
CA TYR A 41 10.32 -11.38 13.14
C TYR A 41 10.91 -9.96 13.05
N THR A 42 12.01 -9.71 13.73
CA THR A 42 12.66 -8.40 13.74
C THR A 42 14.16 -8.64 13.86
N ASP A 43 14.95 -7.59 13.67
CA ASP A 43 16.39 -7.75 13.76
C ASP A 43 17.07 -6.58 14.46
N GLU A 44 18.40 -6.54 14.36
CA GLU A 44 19.21 -5.50 15.00
C GLU A 44 19.09 -4.12 14.37
N SER A 45 18.59 -4.06 13.14
CA SER A 45 18.42 -2.79 12.44
C SER A 45 17.06 -2.15 12.76
N THR A 46 16.13 -2.95 13.26
CA THR A 46 14.80 -2.45 13.60
C THR A 46 14.83 -1.54 14.84
N LEU A 47 14.76 -0.24 14.61
CA LEU A 47 14.79 0.73 15.70
C LEU A 47 13.40 0.96 16.27
N VAL A 48 12.43 1.17 15.40
CA VAL A 48 11.05 1.35 15.85
C VAL A 48 10.14 0.49 15.00
N SER A 49 9.42 -0.45 15.63
CA SER A 49 8.49 -1.28 14.87
C SER A 49 7.09 -0.74 15.11
N ILE A 50 6.08 -1.56 14.83
CA ILE A 50 4.69 -1.17 14.98
C ILE A 50 4.36 -0.36 16.24
N GLY A 51 3.65 0.74 16.06
CA GLY A 51 3.26 1.55 17.21
C GLY A 51 3.37 3.05 17.03
N ASP A 52 4.26 3.50 16.13
CA ASP A 52 4.44 4.94 15.91
C ASP A 52 3.89 5.36 14.54
N ASP A 53 4.17 6.60 14.16
CA ASP A 53 3.72 7.13 12.89
C ASP A 53 4.43 6.46 11.73
N ALA A 54 5.66 6.00 11.96
CA ALA A 54 6.40 5.33 10.91
C ALA A 54 7.36 4.31 11.49
N GLY A 55 7.72 3.29 10.71
CA GLY A 55 8.68 2.30 11.18
C GLY A 55 10.07 2.90 10.97
N VAL A 56 11.03 2.58 11.82
CA VAL A 56 12.38 3.14 11.69
C VAL A 56 13.38 2.00 11.55
N TYR A 57 14.17 2.02 10.47
CA TYR A 57 15.11 0.96 10.18
C TYR A 57 16.50 1.52 9.81
N GLU A 58 17.55 1.03 10.47
CA GLU A 58 18.91 1.51 10.20
C GLU A 58 19.65 0.59 9.24
N HIS A 59 20.39 1.18 8.29
CA HIS A 59 21.18 0.40 7.33
C HIS A 59 22.30 1.23 6.72
N ASN A 60 23.51 0.66 6.71
CA ASN A 60 24.68 1.32 6.18
C ASN A 60 24.83 2.67 6.88
N GLY A 61 24.51 2.71 8.16
CA GLY A 61 24.63 3.95 8.91
C GLY A 61 23.51 4.96 8.67
N ILE A 62 22.52 4.59 7.85
CA ILE A 62 21.43 5.50 7.55
C ILE A 62 20.14 5.07 8.25
N ILE A 63 19.43 6.06 8.78
CA ILE A 63 18.18 5.80 9.46
C ILE A 63 17.02 6.02 8.51
N TRP A 64 16.45 4.95 7.98
CA TRP A 64 15.30 5.10 7.10
C TRP A 64 13.98 5.02 7.88
N VAL A 65 12.93 5.68 7.39
CA VAL A 65 11.62 5.61 8.02
C VAL A 65 10.65 5.18 6.91
N TYR A 66 9.66 4.37 7.26
CA TYR A 66 8.71 3.85 6.29
C TYR A 66 7.27 3.95 6.80
N THR A 67 6.38 4.42 5.93
CA THR A 67 4.99 4.56 6.32
C THR A 67 4.09 4.33 5.10
N VAL A 68 2.82 4.00 5.36
CA VAL A 68 1.86 3.85 4.28
C VAL A 68 0.49 4.34 4.73
N ASP A 69 -0.24 4.99 3.82
CA ASP A 69 -1.58 5.49 4.10
C ASP A 69 -2.40 5.66 2.84
N ILE A 70 -3.62 5.14 2.86
CA ILE A 70 -4.53 5.24 1.74
C ILE A 70 -5.87 5.75 2.25
N ILE A 71 -6.52 6.63 1.50
CA ILE A 71 -7.81 7.17 1.93
C ILE A 71 -8.81 7.17 0.80
N THR A 72 -10.08 7.31 1.16
CA THR A 72 -11.18 7.43 0.20
C THR A 72 -11.23 8.92 -0.12
N PRO A 73 -12.00 9.31 -1.16
CA PRO A 73 -12.13 10.72 -1.55
C PRO A 73 -12.53 11.64 -0.40
N VAL A 74 -11.92 12.82 -0.31
CA VAL A 74 -12.26 13.79 0.72
C VAL A 74 -12.78 15.09 0.12
N VAL A 75 -12.73 15.18 -1.21
CA VAL A 75 -13.25 16.31 -1.97
C VAL A 75 -13.71 15.71 -3.28
N ASN A 76 -14.47 16.47 -4.06
CA ASN A 76 -14.96 15.96 -5.31
C ASN A 76 -14.01 16.18 -6.48
N ASP A 77 -13.08 17.12 -6.34
CA ASP A 77 -12.09 17.42 -7.37
C ASP A 77 -11.00 16.34 -7.33
N PRO A 78 -10.90 15.51 -8.37
CA PRO A 78 -9.89 14.45 -8.39
C PRO A 78 -8.45 14.91 -8.23
N TYR A 79 -8.09 16.05 -8.83
CA TYR A 79 -6.73 16.55 -8.70
C TYR A 79 -6.42 16.89 -7.24
N LEU A 80 -7.34 17.57 -6.56
CA LEU A 80 -7.12 17.93 -5.17
C LEU A 80 -7.12 16.70 -4.26
N TRP A 81 -7.90 15.68 -4.61
CA TRP A 81 -7.89 14.49 -3.78
C TRP A 81 -6.49 13.85 -3.84
N GLY A 82 -5.95 13.75 -5.05
CA GLY A 82 -4.62 13.18 -5.25
C GLY A 82 -3.57 13.96 -4.46
N ALA A 83 -3.58 15.29 -4.55
CA ALA A 83 -2.62 16.12 -3.83
C ALA A 83 -2.74 15.99 -2.30
N ILE A 84 -3.98 16.05 -1.79
CA ILE A 84 -4.26 15.92 -0.34
C ILE A 84 -3.86 14.52 0.19
N SER A 85 -4.24 13.47 -0.54
CA SER A 85 -3.86 12.12 -0.11
C SER A 85 -2.32 11.99 -0.03
N THR A 86 -1.61 12.64 -0.96
CA THR A 86 -0.14 12.60 -0.97
C THR A 86 0.44 13.31 0.25
N ALA A 87 -0.08 14.50 0.54
CA ALA A 87 0.34 15.27 1.69
C ALA A 87 0.05 14.43 2.96
N ASN A 88 -1.08 13.74 2.97
CA ASN A 88 -1.46 12.89 4.12
C ASN A 88 -0.47 11.73 4.34
N ALA A 89 -0.09 11.05 3.26
CA ALA A 89 0.85 9.93 3.36
C ALA A 89 2.23 10.43 3.81
N LEU A 90 2.69 11.54 3.23
CA LEU A 90 3.98 12.12 3.59
C LEU A 90 4.03 12.63 5.05
N SER A 91 2.88 13.00 5.58
CA SER A 91 2.81 13.52 6.94
C SER A 91 3.54 12.70 8.01
N ASP A 92 3.38 11.39 7.96
CA ASP A 92 4.00 10.50 8.94
C ASP A 92 5.53 10.47 8.86
N VAL A 93 6.10 10.79 7.70
CA VAL A 93 7.56 10.86 7.60
C VAL A 93 7.98 12.10 8.39
N TYR A 94 7.32 13.22 8.13
CA TYR A 94 7.63 14.48 8.81
C TYR A 94 7.46 14.37 10.32
N ALA A 95 6.46 13.58 10.72
CA ALA A 95 6.12 13.37 12.11
C ALA A 95 7.19 12.62 12.87
N MET A 96 8.14 12.01 12.15
CA MET A 96 9.23 11.27 12.76
C MET A 96 10.49 12.14 12.74
N GLY A 97 10.37 13.30 12.09
CA GLY A 97 11.52 14.19 11.97
C GLY A 97 12.27 13.82 10.70
N GLY A 98 11.64 13.03 9.83
CA GLY A 98 12.32 12.61 8.61
C GLY A 98 12.06 13.41 7.34
N ILE A 99 12.83 13.10 6.31
CA ILE A 99 12.74 13.75 4.99
C ILE A 99 12.33 12.67 3.99
N PRO A 100 11.19 12.85 3.28
CA PRO A 100 10.67 11.90 2.27
C PRO A 100 11.69 11.76 1.13
N VAL A 101 11.88 10.54 0.64
CA VAL A 101 12.83 10.32 -0.45
C VAL A 101 12.21 9.72 -1.70
N ASN A 102 11.42 8.66 -1.52
CA ASN A 102 10.76 8.00 -2.64
C ASN A 102 9.43 7.39 -2.19
N ALA A 103 8.60 7.01 -3.15
CA ALA A 103 7.28 6.48 -2.82
C ALA A 103 6.73 5.55 -3.87
N LEU A 104 5.62 4.89 -3.52
CA LEU A 104 4.89 3.98 -4.41
C LEU A 104 3.42 4.36 -4.24
N ALA A 105 2.67 4.32 -5.32
CA ALA A 105 1.25 4.68 -5.27
C ALA A 105 0.35 3.45 -5.22
N ILE A 106 -0.69 3.54 -4.41
CA ILE A 106 -1.66 2.46 -4.28
C ILE A 106 -3.01 3.02 -4.76
N SER A 107 -3.49 2.50 -5.88
CA SER A 107 -4.73 3.00 -6.49
C SER A 107 -5.81 1.95 -6.57
N CYS A 108 -6.96 2.25 -5.98
CA CYS A 108 -8.11 1.34 -6.00
C CYS A 108 -9.20 2.10 -6.73
N PHE A 109 -9.53 1.71 -7.94
CA PHE A 109 -10.60 2.41 -8.62
C PHE A 109 -11.25 1.52 -9.66
N ASN A 110 -12.48 1.83 -10.01
CA ASN A 110 -13.18 1.04 -11.00
C ASN A 110 -13.26 1.81 -12.31
N ASN A 111 -12.66 1.23 -13.34
CA ASN A 111 -12.60 1.82 -14.67
C ASN A 111 -13.95 2.18 -15.31
N CYS A 112 -15.05 1.67 -14.78
CA CYS A 112 -16.37 1.97 -15.37
C CYS A 112 -17.32 2.70 -14.41
N GLU A 113 -16.86 2.93 -13.19
CA GLU A 113 -17.59 3.62 -12.14
C GLU A 113 -17.02 5.04 -12.14
N LEU A 114 -15.99 5.19 -12.98
CA LEU A 114 -15.27 6.44 -13.20
C LEU A 114 -14.70 6.26 -14.61
N ASP A 115 -13.45 6.68 -14.80
CA ASP A 115 -12.79 6.52 -16.08
C ASP A 115 -11.36 7.03 -16.02
N ILE A 116 -10.54 6.57 -16.95
CA ILE A 116 -9.14 6.95 -17.01
C ILE A 116 -8.88 8.44 -16.78
N GLU A 117 -9.73 9.29 -17.36
CA GLU A 117 -9.61 10.74 -17.23
C GLU A 117 -9.57 11.22 -15.78
N ILE A 118 -10.47 10.70 -14.97
CA ILE A 118 -10.52 11.05 -13.55
C ILE A 118 -9.28 10.54 -12.85
N PHE A 119 -8.96 9.28 -13.12
CA PHE A 119 -7.80 8.62 -12.55
C PHE A 119 -6.54 9.39 -12.87
N ARG A 120 -6.43 9.86 -14.12
CA ARG A 120 -5.26 10.61 -14.49
C ARG A 120 -5.16 11.92 -13.73
N GLU A 121 -6.29 12.50 -13.35
CA GLU A 121 -6.26 13.76 -12.58
C GLU A 121 -5.79 13.52 -11.14
N VAL A 122 -6.17 12.39 -10.56
CA VAL A 122 -5.75 12.07 -9.21
C VAL A 122 -4.23 11.88 -9.22
N ILE A 123 -3.74 11.16 -10.21
CA ILE A 123 -2.30 10.92 -10.30
C ILE A 123 -1.56 12.24 -10.49
N ARG A 124 -2.07 13.11 -11.37
CA ARG A 124 -1.44 14.41 -11.61
C ARG A 124 -1.31 15.25 -10.31
N GLY A 125 -2.38 15.26 -9.51
CA GLY A 125 -2.36 15.98 -8.25
C GLY A 125 -1.29 15.38 -7.33
N ALA A 126 -1.24 14.05 -7.25
CA ALA A 126 -0.25 13.34 -6.42
C ALA A 126 1.18 13.69 -6.88
N LEU A 127 1.43 13.61 -8.19
CA LEU A 127 2.74 13.91 -8.74
C LEU A 127 3.20 15.33 -8.46
N ASP A 128 2.30 16.29 -8.58
CA ASP A 128 2.66 17.67 -8.33
C ASP A 128 3.02 17.89 -6.88
N LYS A 129 2.31 17.22 -5.97
CA LYS A 129 2.63 17.35 -4.54
C LYS A 129 3.97 16.64 -4.23
N LEU A 130 4.22 15.48 -4.84
CA LEU A 130 5.48 14.77 -4.62
C LEU A 130 6.63 15.63 -5.16
N ARG A 131 6.40 16.32 -6.30
CA ARG A 131 7.42 17.21 -6.86
C ARG A 131 7.75 18.28 -5.83
N GLU A 132 6.72 18.85 -5.22
CA GLU A 132 6.94 19.86 -4.20
C GLU A 132 7.71 19.28 -3.01
N ALA A 133 7.42 18.04 -2.64
CA ALA A 133 8.10 17.41 -1.51
C ALA A 133 9.43 16.75 -1.95
N LYS A 134 9.78 16.94 -3.21
CA LYS A 134 10.99 16.36 -3.80
C LYS A 134 11.12 14.87 -3.48
N THR A 135 10.01 14.16 -3.64
CA THR A 135 9.96 12.73 -3.41
C THR A 135 9.70 12.08 -4.77
N VAL A 136 10.47 11.04 -5.06
CA VAL A 136 10.38 10.32 -6.33
C VAL A 136 9.39 9.15 -6.28
N LEU A 137 8.41 9.17 -7.18
CA LEU A 137 7.43 8.08 -7.26
C LEU A 137 8.13 6.99 -8.06
N LEU A 138 8.24 5.78 -7.50
CA LEU A 138 8.96 4.71 -8.16
C LEU A 138 8.11 3.62 -8.80
N GLY A 139 6.81 3.70 -8.59
CA GLY A 139 5.90 2.69 -9.14
C GLY A 139 4.66 2.61 -8.27
N GLY A 140 3.98 1.47 -8.28
CA GLY A 140 2.79 1.30 -7.49
C GLY A 140 2.01 0.07 -7.93
N HIS A 141 0.73 0.01 -7.56
CA HIS A 141 -0.15 -1.10 -7.94
C HIS A 141 -1.57 -0.52 -8.08
N THR A 142 -2.33 -1.04 -9.03
CA THR A 142 -3.69 -0.58 -9.26
C THR A 142 -4.64 -1.75 -9.22
N ILE A 143 -5.70 -1.63 -8.42
CA ILE A 143 -6.65 -2.72 -8.30
C ILE A 143 -8.10 -2.24 -8.48
N ASP A 144 -8.92 -3.11 -9.08
CA ASP A 144 -10.32 -2.82 -9.35
C ASP A 144 -11.08 -2.72 -8.04
N ASP A 145 -11.72 -1.58 -7.81
CA ASP A 145 -12.47 -1.37 -6.57
C ASP A 145 -13.65 -0.41 -6.81
N LYS A 146 -14.83 -0.81 -6.35
CA LYS A 146 -16.04 -0.01 -6.52
C LYS A 146 -15.93 1.27 -5.69
N GLU A 147 -15.35 1.15 -4.50
CA GLU A 147 -15.14 2.31 -3.61
C GLU A 147 -13.72 2.78 -3.86
N PRO A 148 -13.57 3.91 -4.57
CA PRO A 148 -12.23 4.43 -4.88
C PRO A 148 -11.38 4.85 -3.67
N LYS A 149 -10.09 4.53 -3.74
CA LYS A 149 -9.12 4.88 -2.70
C LYS A 149 -7.77 5.18 -3.35
N PHE A 150 -6.99 6.04 -2.72
CA PHE A 150 -5.68 6.39 -3.24
C PHE A 150 -4.76 6.71 -2.08
N GLY A 151 -3.50 6.32 -2.20
CA GLY A 151 -2.55 6.59 -1.15
C GLY A 151 -1.15 6.19 -1.60
N LEU A 152 -0.23 6.22 -0.65
CA LEU A 152 1.16 5.91 -0.96
C LEU A 152 1.88 5.24 0.19
N SER A 153 2.91 4.46 -0.14
CA SER A 153 3.83 3.91 0.87
C SER A 153 5.00 4.87 0.60
N VAL A 154 5.68 5.31 1.66
CA VAL A 154 6.76 6.27 1.50
C VAL A 154 7.99 5.87 2.30
N ALA A 155 9.17 6.08 1.71
CA ALA A 155 10.44 5.79 2.41
C ALA A 155 11.16 7.14 2.53
N GLY A 156 11.64 7.43 3.74
CA GLY A 156 12.35 8.67 3.99
C GLY A 156 13.60 8.45 4.83
N ILE A 157 14.33 9.53 5.12
CA ILE A 157 15.56 9.44 5.89
C ILE A 157 15.55 10.46 7.04
N CYS A 158 16.08 10.08 8.19
CA CYS A 158 16.19 10.99 9.31
C CYS A 158 17.65 11.47 9.31
N PRO A 159 17.90 12.70 8.86
CA PRO A 159 19.26 13.25 8.81
C PRO A 159 19.99 13.23 10.16
N GLU A 160 21.24 12.75 10.13
CA GLU A 160 22.07 12.67 11.33
C GLU A 160 21.48 11.76 12.41
N GLY A 161 20.71 10.77 11.96
CA GLY A 161 20.12 9.78 12.85
C GLY A 161 19.15 10.18 13.95
N LYS A 162 18.58 11.37 13.89
CA LYS A 162 17.64 11.79 14.93
C LYS A 162 16.20 11.57 14.47
N TYR A 163 15.44 10.80 15.24
CA TYR A 163 14.04 10.54 14.95
C TYR A 163 13.20 10.78 16.21
N ILE A 164 12.00 11.34 16.01
CA ILE A 164 11.13 11.68 17.13
C ILE A 164 9.95 10.71 17.22
N THR A 165 9.84 10.03 18.34
CA THR A 165 8.77 9.07 18.55
C THR A 165 7.65 9.73 19.37
N GLN A 166 6.63 8.95 19.67
CA GLN A 166 5.50 9.44 20.45
C GLN A 166 5.73 9.23 21.96
N SER A 167 6.85 8.61 22.33
CA SER A 167 7.06 8.29 23.73
C SER A 167 8.07 9.02 24.63
N GLY A 168 8.59 10.17 24.21
CA GLY A 168 9.55 10.82 25.09
C GLY A 168 9.05 12.05 25.83
N ALA A 169 7.73 12.26 25.84
CA ALA A 169 7.19 13.45 26.49
C ALA A 169 7.35 13.43 28.01
N GLN A 170 7.53 14.62 28.59
CA GLN A 170 7.69 14.75 30.03
C GLN A 170 6.52 15.55 30.60
N VAL A 171 6.28 15.38 31.89
CA VAL A 171 5.20 16.11 32.57
C VAL A 171 5.58 17.58 32.56
N GLY A 172 4.58 18.46 32.47
CA GLY A 172 4.87 19.88 32.47
C GLY A 172 5.33 20.51 31.16
N GLN A 173 5.10 19.82 30.04
CA GLN A 173 5.48 20.37 28.75
C GLN A 173 4.26 20.90 28.04
N LEU A 174 4.49 21.83 27.11
CA LEU A 174 3.41 22.43 26.33
C LEU A 174 3.09 21.58 25.11
N LEU A 175 1.80 21.47 24.82
CA LEU A 175 1.32 20.73 23.65
C LEU A 175 1.11 21.71 22.52
N ILE A 176 1.84 21.53 21.42
CA ILE A 176 1.75 22.43 20.28
C ILE A 176 1.09 21.76 19.08
N LEU A 177 0.19 22.47 18.39
CA LEU A 177 -0.49 21.91 17.22
C LEU A 177 -0.27 22.87 16.04
N THR A 178 0.03 22.34 14.84
CA THR A 178 0.29 23.23 13.71
C THR A 178 -0.78 23.46 12.63
N LYS A 179 -1.92 22.77 12.72
CA LYS A 179 -3.02 22.97 11.75
C LYS A 179 -4.32 22.83 12.55
N PRO A 180 -5.39 23.51 12.11
CA PRO A 180 -6.68 23.42 12.82
C PRO A 180 -7.30 22.02 12.62
N ILE A 181 -8.28 21.66 13.43
CA ILE A 181 -8.97 20.38 13.31
C ILE A 181 -10.38 20.68 12.80
N GLY A 182 -11.19 19.65 12.59
CA GLY A 182 -12.53 19.90 12.10
C GLY A 182 -12.75 19.57 10.63
N THR A 183 -11.72 19.10 9.93
CA THR A 183 -11.89 18.76 8.50
C THR A 183 -12.93 17.66 8.27
N GLY A 184 -12.96 16.65 9.13
CA GLY A 184 -13.94 15.57 8.95
C GLY A 184 -15.36 16.09 8.85
N ILE A 185 -15.68 17.11 9.64
CA ILE A 185 -17.02 17.71 9.66
C ILE A 185 -17.30 18.37 8.31
N LEU A 186 -16.31 19.08 7.79
CA LEU A 186 -16.44 19.78 6.51
C LEU A 186 -16.62 18.82 5.33
N ILE A 187 -15.93 17.70 5.40
CA ILE A 187 -15.99 16.69 4.35
C ILE A 187 -17.38 16.07 4.36
N LYS A 188 -17.92 15.87 5.56
CA LYS A 188 -19.29 15.34 5.70
C LYS A 188 -20.23 16.39 5.08
N GLY A 189 -19.89 17.67 5.27
CA GLY A 189 -20.70 18.74 4.70
C GLY A 189 -20.70 18.72 3.18
N LEU A 190 -19.54 18.45 2.58
CA LEU A 190 -19.41 18.38 1.12
C LEU A 190 -20.16 17.16 0.61
N LYS A 191 -20.02 16.05 1.32
CA LYS A 191 -20.70 14.83 0.93
C LYS A 191 -22.22 14.99 0.86
N GLU A 192 -22.79 15.68 1.83
CA GLU A 192 -24.23 15.89 1.87
C GLU A 192 -24.68 16.99 0.90
N GLY A 193 -23.71 17.60 0.22
CA GLY A 193 -24.01 18.64 -0.74
C GLY A 193 -24.39 19.98 -0.14
N ILE A 194 -24.12 20.15 1.14
CA ILE A 194 -24.43 21.40 1.85
C ILE A 194 -23.32 22.43 1.63
N LEU A 195 -22.12 21.92 1.38
CA LEU A 195 -20.95 22.75 1.14
C LEU A 195 -20.30 22.41 -0.19
N LYS A 196 -19.51 23.34 -0.72
CA LYS A 196 -18.74 23.15 -1.94
C LYS A 196 -17.30 23.53 -1.55
N GLU A 197 -16.33 23.11 -2.36
CA GLU A 197 -14.92 23.39 -2.07
C GLU A 197 -14.59 24.86 -1.77
N GLU A 198 -15.18 25.79 -2.52
CA GLU A 198 -14.97 27.23 -2.32
C GLU A 198 -15.25 27.70 -0.89
N ASP A 199 -16.26 27.11 -0.26
CA ASP A 199 -16.64 27.45 1.11
C ASP A 199 -15.58 27.05 2.13
N ILE A 200 -14.73 26.08 1.79
CA ILE A 200 -13.73 25.59 2.74
C ILE A 200 -12.30 25.69 2.21
N ASN A 201 -12.06 26.70 1.40
CA ASN A 201 -10.77 26.96 0.78
C ASN A 201 -9.62 26.94 1.77
N GLU A 202 -9.88 27.47 2.96
CA GLU A 202 -8.87 27.53 4.02
C GLU A 202 -8.51 26.13 4.53
N ALA A 203 -9.50 25.27 4.71
CA ALA A 203 -9.25 23.91 5.16
C ALA A 203 -8.55 23.13 4.04
N ILE A 204 -8.99 23.33 2.80
CA ILE A 204 -8.39 22.67 1.65
C ILE A 204 -6.89 23.02 1.60
N GLU A 205 -6.58 24.30 1.82
CA GLU A 205 -5.19 24.75 1.80
C GLU A 205 -4.40 24.06 2.90
N ASN A 206 -4.96 24.00 4.10
CA ASN A 206 -4.29 23.31 5.17
C ASN A 206 -4.11 21.81 4.89
N MET A 207 -5.09 21.19 4.24
CA MET A 207 -4.97 19.76 3.94
C MET A 207 -3.89 19.53 2.90
N LEU A 208 -3.76 20.46 1.96
CA LEU A 208 -2.75 20.36 0.91
C LEU A 208 -1.33 20.64 1.40
N ALA A 209 -1.21 21.40 2.48
CA ALA A 209 0.11 21.76 2.99
C ALA A 209 0.98 20.63 3.55
N LEU A 210 2.21 20.55 3.06
CA LEU A 210 3.15 19.54 3.54
C LEU A 210 3.56 19.90 4.96
N ASN A 211 3.80 18.89 5.80
CA ASN A 211 4.23 19.16 7.17
C ASN A 211 5.75 19.33 7.26
N ASP A 212 6.42 19.65 6.15
CA ASP A 212 7.87 19.84 6.22
C ASP A 212 8.28 21.06 7.05
N LYS A 213 7.54 22.16 6.94
CA LYS A 213 7.83 23.38 7.71
C LYS A 213 7.59 23.16 9.21
N ALA A 214 6.50 22.45 9.55
CA ALA A 214 6.20 22.12 10.94
C ALA A 214 7.31 21.20 11.48
N ARG A 215 7.75 20.27 10.65
CA ARG A 215 8.84 19.38 11.07
C ARG A 215 10.05 20.22 11.50
N ASN A 216 10.43 21.20 10.68
CA ASN A 216 11.56 22.07 10.98
C ASN A 216 11.34 22.83 12.28
N LEU A 217 10.13 23.36 12.45
CA LEU A 217 9.77 24.11 13.67
C LEU A 217 9.94 23.20 14.87
N MET A 218 9.30 22.04 14.77
CA MET A 218 9.32 21.01 15.78
C MET A 218 10.77 20.68 16.21
N LEU A 219 11.63 20.40 15.24
CA LEU A 219 13.03 20.07 15.53
C LEU A 219 13.77 21.27 16.12
N SER A 220 13.49 22.44 15.60
CA SER A 220 14.13 23.66 16.08
C SER A 220 13.83 23.91 17.57
N LEU A 221 12.65 23.48 18.04
CA LEU A 221 12.25 23.68 19.42
C LEU A 221 12.61 22.49 20.31
N ASP A 222 13.41 21.59 19.77
CA ASP A 222 13.85 20.38 20.46
C ASP A 222 12.71 19.61 21.10
N ALA A 223 11.62 19.45 20.35
CA ALA A 223 10.45 18.73 20.83
C ALA A 223 10.84 17.34 21.35
N THR A 224 10.15 16.89 22.39
CA THR A 224 10.45 15.59 23.01
C THR A 224 9.67 14.43 22.43
N ALA A 225 8.47 14.71 21.92
CA ALA A 225 7.59 13.71 21.34
C ALA A 225 6.81 14.42 20.22
N CYS A 226 6.39 13.66 19.21
CA CYS A 226 5.66 14.25 18.08
C CYS A 226 4.81 13.17 17.39
N THR A 227 3.69 13.61 16.82
CA THR A 227 2.77 12.75 16.07
C THR A 227 1.96 13.73 15.23
N ASP A 228 1.29 13.24 14.18
CA ASP A 228 0.45 14.12 13.37
C ASP A 228 -1.03 13.81 13.68
N VAL A 229 -1.91 14.78 13.53
CA VAL A 229 -3.32 14.55 13.85
C VAL A 229 -4.05 14.10 12.61
N THR A 230 -4.49 12.85 12.62
CA THR A 230 -5.21 12.33 11.49
C THR A 230 -6.52 11.61 11.84
N GLY A 231 -6.65 10.37 11.36
CA GLY A 231 -7.87 9.62 11.53
C GLY A 231 -8.54 9.42 12.88
N PHE A 232 -7.77 9.45 13.97
CA PHE A 232 -8.38 9.23 15.27
C PHE A 232 -8.77 10.49 16.03
N GLY A 233 -8.70 11.64 15.36
CA GLY A 233 -9.06 12.89 16.00
C GLY A 233 -7.95 13.42 16.89
N LEU A 234 -8.08 14.69 17.27
CA LEU A 234 -7.08 15.32 18.14
C LEU A 234 -6.96 14.58 19.47
N LEU A 235 -8.08 14.20 20.09
CA LEU A 235 -8.04 13.50 21.38
C LEU A 235 -7.35 12.12 21.27
N GLY A 236 -7.70 11.36 20.24
CA GLY A 236 -7.09 10.05 20.05
C GLY A 236 -5.59 10.15 19.83
N HIS A 237 -5.16 11.08 18.96
CA HIS A 237 -3.73 11.24 18.70
C HIS A 237 -2.96 11.82 19.90
N ALA A 238 -3.61 12.69 20.68
CA ALA A 238 -2.97 13.23 21.88
C ALA A 238 -2.76 12.07 22.87
N TRP A 239 -3.73 11.17 22.94
CA TRP A 239 -3.64 10.02 23.85
C TRP A 239 -2.48 9.10 23.49
N ASN A 240 -2.17 8.97 22.20
CA ASN A 240 -1.05 8.13 21.77
C ASN A 240 0.24 8.65 22.39
N ILE A 241 0.39 9.96 22.45
CA ILE A 241 1.59 10.52 23.07
C ILE A 241 1.54 10.16 24.56
N CYS A 242 0.39 10.41 25.18
CA CYS A 242 0.20 10.12 26.60
C CYS A 242 0.50 8.67 26.95
N LYS A 243 -0.22 7.77 26.29
CA LYS A 243 -0.07 6.35 26.52
C LYS A 243 1.39 5.90 26.34
N ASN A 244 2.03 6.35 25.28
CA ASN A 244 3.41 5.97 24.99
C ASN A 244 4.47 6.61 25.88
N SER A 245 4.15 7.76 26.49
CA SER A 245 5.10 8.44 27.37
C SER A 245 4.73 8.23 28.83
N ASN A 246 3.66 7.47 29.06
CA ASN A 246 3.17 7.18 30.41
C ASN A 246 2.88 8.44 31.24
N ILE A 247 2.12 9.36 30.64
CA ILE A 247 1.76 10.60 31.31
C ILE A 247 0.33 10.94 30.89
N GLY A 248 -0.10 12.17 31.15
CA GLY A 248 -1.44 12.55 30.77
C GLY A 248 -1.41 13.89 30.07
N ALA A 249 -2.58 14.37 29.66
CA ALA A 249 -2.65 15.64 29.01
C ALA A 249 -3.87 16.43 29.42
N ARG A 250 -3.68 17.73 29.59
CA ARG A 250 -4.77 18.64 29.91
C ARG A 250 -4.90 19.51 28.67
N ILE A 251 -6.04 19.43 28.01
CA ILE A 251 -6.30 20.21 26.81
C ILE A 251 -7.46 21.16 27.07
N PHE A 252 -7.28 22.43 26.66
CA PHE A 252 -8.31 23.45 26.83
C PHE A 252 -9.06 23.66 25.52
N PHE A 253 -10.32 23.27 25.51
CA PHE A 253 -11.12 23.42 24.30
C PHE A 253 -11.01 24.80 23.67
N GLU A 254 -11.04 25.83 24.51
CA GLU A 254 -10.97 27.21 24.05
C GLU A 254 -9.67 27.55 23.33
N LYS A 255 -8.62 26.77 23.58
CA LYS A 255 -7.32 26.99 22.92
C LYS A 255 -7.14 26.16 21.64
N VAL A 256 -8.11 25.32 21.30
CA VAL A 256 -7.97 24.49 20.10
C VAL A 256 -8.46 25.16 18.80
N PRO A 257 -7.59 25.22 17.79
CA PRO A 257 -8.00 25.83 16.52
C PRO A 257 -8.94 24.93 15.71
N TYR A 258 -10.03 25.49 15.20
CA TYR A 258 -10.94 24.71 14.36
C TYR A 258 -11.70 25.66 13.48
N TYR A 259 -12.25 25.13 12.40
CA TYR A 259 -12.99 25.97 11.47
C TYR A 259 -14.38 26.30 12.00
N GLN A 260 -14.75 27.56 11.91
CA GLN A 260 -16.07 28.00 12.38
C GLN A 260 -17.17 27.11 11.81
N LEU A 261 -17.05 26.79 10.53
CA LEU A 261 -18.03 25.95 9.82
C LEU A 261 -18.17 24.56 10.45
N SER A 262 -17.08 24.02 11.01
CA SER A 262 -17.11 22.70 11.66
C SER A 262 -18.03 22.78 12.87
N GLU A 263 -17.94 23.89 13.59
CA GLU A 263 -18.77 24.09 14.77
C GLU A 263 -20.26 24.26 14.40
N ASN A 264 -20.53 25.03 13.35
CA ASN A 264 -21.92 25.25 12.91
C ASN A 264 -22.59 23.94 12.47
N LEU A 265 -21.83 23.13 11.73
CA LEU A 265 -22.34 21.85 11.26
C LEU A 265 -22.48 20.84 12.38
N VAL A 266 -21.49 20.75 13.26
CA VAL A 266 -21.57 19.74 14.32
C VAL A 266 -22.73 19.97 15.29
N LYS A 267 -23.03 21.23 15.54
CA LYS A 267 -24.13 21.61 16.42
C LYS A 267 -25.47 21.21 15.77
N LYS A 268 -25.46 21.04 14.45
CA LYS A 268 -26.66 20.62 13.75
C LYS A 268 -26.62 19.12 13.52
N LYS A 269 -25.83 18.44 14.34
CA LYS A 269 -25.68 16.99 14.28
C LYS A 269 -25.21 16.50 12.92
N ILE A 270 -24.48 17.34 12.21
CA ILE A 270 -23.93 16.96 10.92
C ILE A 270 -22.45 16.64 11.13
N TYR A 271 -22.12 15.35 11.12
CA TYR A 271 -20.74 14.91 11.31
C TYR A 271 -20.52 13.46 10.86
N PRO A 272 -19.26 13.07 10.67
CA PRO A 272 -18.99 11.70 10.25
C PRO A 272 -19.16 10.74 11.41
N LYS A 273 -19.77 9.59 11.17
CA LYS A 273 -19.99 8.63 12.23
C LYS A 273 -18.66 8.28 12.89
N GLY A 274 -17.57 8.50 12.16
CA GLY A 274 -16.25 8.25 12.70
C GLY A 274 -15.92 9.08 13.93
N ALA A 275 -16.46 10.30 14.00
CA ALA A 275 -16.20 11.19 15.15
C ALA A 275 -16.71 10.54 16.45
N ILE A 276 -17.86 9.89 16.34
CA ILE A 276 -18.48 9.22 17.49
C ILE A 276 -17.66 8.01 17.92
N GLU A 277 -17.17 7.25 16.97
CA GLU A 277 -16.37 6.08 17.31
C GLU A 277 -15.08 6.54 18.00
N ASN A 278 -14.48 7.61 17.50
CA ASN A 278 -13.23 8.11 18.10
C ASN A 278 -13.55 8.57 19.52
N LEU A 279 -14.69 9.22 19.70
CA LEU A 279 -15.08 9.70 21.02
C LEU A 279 -15.23 8.51 21.96
N ASN A 280 -16.00 7.53 21.53
CA ASN A 280 -16.23 6.35 22.34
C ASN A 280 -14.96 5.63 22.75
N PHE A 281 -13.96 5.60 21.88
CA PHE A 281 -12.73 4.92 22.24
C PHE A 281 -11.97 5.62 23.38
N VAL A 282 -11.89 6.94 23.35
CA VAL A 282 -11.16 7.66 24.39
C VAL A 282 -11.93 7.88 25.69
N LYS A 283 -13.25 7.69 25.66
CA LYS A 283 -14.06 7.92 26.85
C LYS A 283 -13.60 7.10 28.06
N ASN A 284 -12.79 6.08 27.81
CA ASN A 284 -12.28 5.21 28.87
C ASN A 284 -11.13 5.84 29.64
N TYR A 285 -10.65 7.00 29.18
CA TYR A 285 -9.54 7.70 29.84
C TYR A 285 -9.84 9.20 29.83
N LEU A 286 -11.05 9.55 29.42
CA LEU A 286 -11.44 10.94 29.32
C LEU A 286 -12.10 11.51 30.58
N LYS A 287 -11.60 12.67 31.01
CA LYS A 287 -12.15 13.37 32.15
C LYS A 287 -12.61 14.72 31.61
N SER A 288 -13.92 14.87 31.45
CA SER A 288 -14.46 16.10 30.91
C SER A 288 -15.93 16.27 31.21
N ASN A 289 -16.34 17.52 31.35
CA ASN A 289 -17.73 17.83 31.59
C ASN A 289 -18.25 18.75 30.48
N LEU A 290 -17.49 18.85 29.38
CA LEU A 290 -17.91 19.69 28.25
C LEU A 290 -19.13 19.09 27.52
N ASP A 291 -19.85 19.93 26.78
CA ASP A 291 -20.99 19.44 26.03
C ASP A 291 -20.48 18.49 24.95
N ASN A 292 -21.34 17.58 24.50
CA ASN A 292 -20.94 16.63 23.50
C ASN A 292 -20.56 17.23 22.15
N TRP A 293 -21.18 18.33 21.76
CA TRP A 293 -20.77 18.88 20.46
C TRP A 293 -19.27 19.22 20.47
N LYS A 294 -18.73 19.56 21.63
CA LYS A 294 -17.32 19.93 21.75
C LYS A 294 -16.46 18.70 21.69
N LEU A 295 -16.88 17.66 22.41
CA LEU A 295 -16.14 16.42 22.41
C LEU A 295 -16.21 15.71 21.04
N ILE A 296 -17.27 15.94 20.28
CA ILE A 296 -17.37 15.32 18.95
C ILE A 296 -16.39 16.06 18.03
N LEU A 297 -16.38 17.38 18.12
CA LEU A 297 -15.46 18.20 17.33
C LEU A 297 -13.99 17.82 17.62
N LEU A 298 -13.66 17.61 18.89
CA LEU A 298 -12.28 17.23 19.27
C LEU A 298 -11.91 15.80 18.86
N SER A 299 -12.92 14.97 18.62
CA SER A 299 -12.71 13.57 18.26
C SER A 299 -12.79 13.31 16.76
N ASP A 300 -13.30 14.30 16.03
CA ASP A 300 -13.49 14.21 14.60
C ASP A 300 -12.24 13.81 13.80
N PRO A 301 -12.37 12.83 12.89
CA PRO A 301 -11.21 12.43 12.10
C PRO A 301 -10.68 13.62 11.29
N VAL A 302 -9.36 13.77 11.29
CA VAL A 302 -8.74 14.85 10.55
C VAL A 302 -8.01 14.26 9.37
N THR A 303 -8.04 14.95 8.24
CA THR A 303 -7.34 14.50 7.06
C THR A 303 -6.13 15.41 6.86
N SER A 304 -4.94 14.83 6.71
CA SER A 304 -3.73 15.63 6.49
C SER A 304 -3.61 16.77 7.52
N GLY A 305 -3.79 16.42 8.80
CA GLY A 305 -3.70 17.37 9.90
C GLY A 305 -2.27 17.83 10.20
N GLY A 306 -2.10 18.71 11.19
CA GLY A 306 -0.76 19.19 11.49
C GLY A 306 -0.01 18.30 12.45
N LEU A 307 1.18 18.73 12.87
CA LEU A 307 1.94 17.95 13.85
C LEU A 307 1.51 18.38 15.22
N LEU A 308 1.51 17.41 16.14
CA LEU A 308 1.15 17.65 17.52
C LEU A 308 2.41 17.26 18.27
N PHE A 309 3.02 18.18 19.01
CA PHE A 309 4.26 17.86 19.73
C PHE A 309 4.43 18.56 21.08
N THR A 310 5.39 18.09 21.85
CA THR A 310 5.66 18.65 23.18
C THR A 310 7.01 19.38 23.29
N ILE A 311 7.01 20.54 23.96
CA ILE A 311 8.22 21.35 24.14
C ILE A 311 8.23 22.01 25.50
N ASN A 312 9.37 22.61 25.87
CA ASN A 312 9.47 23.32 27.16
C ASN A 312 9.07 24.78 26.96
N LYS A 313 8.43 25.37 27.97
CA LYS A 313 8.00 26.77 27.93
C LYS A 313 9.14 27.63 27.45
N GLU A 314 10.32 27.35 28.01
CA GLU A 314 11.52 28.09 27.68
C GLU A 314 11.68 28.23 26.16
N LYS A 315 11.23 27.23 25.40
CA LYS A 315 11.35 27.28 23.95
C LYS A 315 10.43 28.29 23.27
N LEU A 316 9.46 28.84 24.00
CA LEU A 316 8.57 29.82 23.39
C LEU A 316 9.31 31.09 22.99
N GLU A 317 10.56 31.22 23.41
CA GLU A 317 11.36 32.41 23.11
C GLU A 317 11.35 32.87 21.66
N LYS A 318 11.81 32.00 20.75
CA LYS A 318 11.83 32.38 19.34
C LYS A 318 10.85 31.58 18.50
N ILE A 319 9.87 30.97 19.16
CA ILE A 319 8.88 30.18 18.45
C ILE A 319 8.13 30.96 17.39
N ASP A 320 7.58 32.12 17.74
CA ASP A 320 6.83 32.87 16.74
C ASP A 320 7.75 33.42 15.65
N GLU A 321 9.00 33.71 16.01
CA GLU A 321 9.96 34.22 15.03
C GLU A 321 10.27 33.08 14.05
N THR A 322 10.62 31.93 14.60
CA THR A 322 10.92 30.72 13.83
C THR A 322 9.75 30.36 12.92
N ALA A 323 8.56 30.29 13.52
CA ALA A 323 7.36 29.98 12.78
C ALA A 323 7.19 30.94 11.60
N LYS A 324 7.43 32.22 11.84
CA LYS A 324 7.29 33.24 10.79
C LYS A 324 8.16 32.97 9.57
N GLU A 325 9.49 32.96 9.78
CA GLU A 325 10.45 32.71 8.71
C GLU A 325 10.11 31.39 8.00
N LEU A 326 9.63 30.41 8.76
CA LEU A 326 9.24 29.11 8.21
C LEU A 326 7.90 29.13 7.51
N GLU A 327 7.04 30.08 7.88
CA GLU A 327 5.72 30.17 7.30
C GLU A 327 4.88 28.96 7.72
N VAL A 328 4.72 28.81 9.03
CA VAL A 328 3.93 27.72 9.63
C VAL A 328 3.27 28.28 10.89
N ASN A 329 1.98 28.00 11.06
CA ASN A 329 1.25 28.48 12.24
C ASN A 329 1.38 27.48 13.37
N TYR A 330 1.05 27.91 14.58
CA TYR A 330 1.11 27.03 15.73
C TYR A 330 0.12 27.52 16.76
N TRP A 331 -0.37 26.59 17.56
CA TRP A 331 -1.32 26.89 18.62
C TRP A 331 -0.91 26.09 19.84
N ILE A 332 -0.89 26.74 21.00
CA ILE A 332 -0.57 26.08 22.26
C ILE A 332 -1.95 25.63 22.75
N ILE A 333 -2.18 24.33 22.82
CA ILE A 333 -3.49 23.85 23.22
C ILE A 333 -3.57 23.25 24.62
N GLY A 334 -2.43 23.07 25.27
CA GLY A 334 -2.45 22.50 26.61
C GLY A 334 -1.09 22.08 27.12
N GLU A 335 -1.09 21.27 28.16
CA GLU A 335 0.16 20.81 28.75
C GLU A 335 0.00 19.38 29.23
N THR A 336 1.12 18.69 29.39
CA THR A 336 1.10 17.31 29.86
C THR A 336 1.06 17.29 31.38
N ILE A 337 0.42 16.26 31.94
CA ILE A 337 0.30 16.15 33.38
C ILE A 337 0.68 14.76 33.85
N ALA A 338 0.85 14.59 35.16
CA ALA A 338 1.26 13.32 35.74
C ALA A 338 0.20 12.23 35.68
N GLU A 339 -1.03 12.57 36.02
CA GLU A 339 -2.12 11.58 35.99
C GLU A 339 -2.30 11.09 34.55
N ASN A 340 -2.36 9.76 34.39
CA ASN A 340 -2.51 9.14 33.08
C ASN A 340 -3.96 9.19 32.59
N VAL A 341 -4.43 10.39 32.28
CA VAL A 341 -5.78 10.61 31.81
C VAL A 341 -5.76 11.77 30.82
N LEU A 342 -6.88 11.97 30.13
CA LEU A 342 -6.98 13.06 29.18
C LEU A 342 -8.01 13.99 29.80
N GLU A 343 -7.56 15.16 30.26
CA GLU A 343 -8.44 16.16 30.89
C GLU A 343 -8.76 17.25 29.86
N VAL A 344 -10.01 17.35 29.47
CA VAL A 344 -10.42 18.35 28.49
C VAL A 344 -11.31 19.35 29.20
N LEU A 345 -10.85 20.61 29.28
CA LEU A 345 -11.57 21.68 29.97
C LEU A 345 -12.10 22.78 29.06
N GLY B 3 -33.82 -28.09 10.27
CA GLY B 3 -33.80 -29.44 10.93
C GLY B 3 -32.42 -29.93 11.28
N GLY B 4 -31.66 -29.06 11.96
CA GLY B 4 -30.29 -29.39 12.35
C GLY B 4 -29.29 -28.37 11.81
N ILE B 5 -29.67 -27.09 11.84
CA ILE B 5 -28.80 -26.02 11.34
C ILE B 5 -27.57 -25.72 12.22
N GLU B 6 -26.43 -25.52 11.59
CA GLU B 6 -25.19 -25.22 12.30
C GLU B 6 -25.26 -23.83 12.92
N GLY B 7 -25.19 -23.75 14.25
CA GLY B 7 -25.24 -22.46 14.92
C GLY B 7 -23.94 -21.71 14.74
N ARG B 8 -22.92 -22.44 14.31
CA ARG B 8 -21.60 -21.89 14.10
C ARG B 8 -21.57 -21.07 12.82
N HIS B 9 -20.80 -19.97 12.85
CA HIS B 9 -20.67 -19.07 11.71
C HIS B 9 -19.90 -19.78 10.58
N MET B 10 -19.99 -19.24 9.37
CA MET B 10 -19.31 -19.84 8.22
C MET B 10 -18.09 -19.05 7.74
N VAL B 11 -18.33 -17.88 7.14
CA VAL B 11 -17.27 -17.01 6.64
C VAL B 11 -16.51 -17.55 5.42
N GLU B 12 -17.07 -17.32 4.24
CA GLU B 12 -16.41 -17.74 3.01
C GLU B 12 -15.76 -16.50 2.41
N LEU B 13 -14.47 -16.34 2.65
CA LEU B 13 -13.74 -15.19 2.14
C LEU B 13 -14.03 -14.94 0.67
N LEU B 14 -14.06 -16.02 -0.10
CA LEU B 14 -14.30 -15.92 -1.52
C LEU B 14 -15.67 -15.36 -1.88
N LYS B 15 -16.64 -15.48 -0.98
CA LYS B 15 -17.97 -14.96 -1.30
C LYS B 15 -18.01 -13.45 -1.20
N LEU B 16 -17.01 -12.86 -0.57
CA LEU B 16 -16.95 -11.41 -0.42
C LEU B 16 -16.20 -10.75 -1.58
N VAL B 17 -15.73 -11.54 -2.54
CA VAL B 17 -15.01 -10.99 -3.68
C VAL B 17 -15.99 -10.72 -4.81
N ARG B 18 -15.94 -9.50 -5.35
CA ARG B 18 -16.83 -9.08 -6.42
C ARG B 18 -16.37 -9.46 -7.83
N SER B 19 -17.31 -9.88 -8.67
CA SER B 19 -17.02 -10.24 -10.05
C SER B 19 -17.24 -9.00 -10.93
N SER B 20 -16.21 -8.16 -11.01
CA SER B 20 -16.28 -6.92 -11.78
C SER B 20 -16.94 -7.12 -13.14
N GLY B 21 -17.79 -6.18 -13.53
CA GLY B 21 -18.46 -6.26 -14.80
C GLY B 21 -17.79 -5.35 -15.81
N CYS B 22 -16.63 -4.83 -15.41
CA CYS B 22 -15.84 -3.91 -16.23
C CYS B 22 -14.58 -4.60 -16.80
N ALA B 23 -14.37 -4.46 -18.10
CA ALA B 23 -13.23 -5.07 -18.79
C ALA B 23 -11.94 -4.26 -18.62
N ALA B 24 -10.83 -4.97 -18.41
CA ALA B 24 -9.51 -4.37 -18.21
C ALA B 24 -9.03 -3.55 -19.40
N LYS B 25 -8.82 -2.27 -19.18
CA LYS B 25 -8.34 -1.37 -20.24
C LYS B 25 -6.82 -1.37 -20.27
N VAL B 26 -6.23 -1.54 -19.08
CA VAL B 26 -4.78 -1.55 -18.95
C VAL B 26 -4.18 -2.96 -19.14
N GLY B 27 -3.40 -3.10 -20.22
CA GLY B 27 -2.76 -4.36 -20.52
C GLY B 27 -1.27 -4.31 -20.19
N PRO B 28 -0.50 -5.34 -20.56
CA PRO B 28 0.95 -5.41 -20.29
C PRO B 28 1.74 -4.20 -20.82
N GLY B 29 2.24 -3.36 -19.91
CA GLY B 29 3.03 -2.20 -20.31
C GLY B 29 2.28 -0.91 -20.59
N ASP B 30 0.95 -0.95 -20.54
CA ASP B 30 0.14 0.24 -20.81
C ASP B 30 0.24 1.30 -19.72
N LEU B 31 0.19 0.87 -18.47
CA LEU B 31 0.26 1.79 -17.35
C LEU B 31 1.58 2.56 -17.42
N GLN B 32 2.64 1.88 -17.83
CA GLN B 32 3.95 2.51 -17.95
C GLN B 32 3.91 3.57 -19.05
N GLU B 33 3.24 3.27 -20.15
CA GLU B 33 3.13 4.22 -21.25
C GLU B 33 2.25 5.40 -20.82
N ILE B 34 1.21 5.13 -20.04
CA ILE B 34 0.30 6.15 -19.53
C ILE B 34 1.04 7.14 -18.62
N LEU B 35 1.82 6.60 -17.68
CA LEU B 35 2.56 7.44 -16.75
C LEU B 35 3.64 8.28 -17.41
N LYS B 36 3.85 8.07 -18.71
CA LYS B 36 4.83 8.84 -19.45
C LYS B 36 4.21 10.18 -19.87
N GLY B 37 2.88 10.27 -19.81
CA GLY B 37 2.20 11.51 -20.16
C GLY B 37 2.04 12.40 -18.93
N PHE B 38 3.00 12.31 -18.01
CA PHE B 38 2.99 13.08 -16.76
C PHE B 38 4.35 13.71 -16.52
N ASN B 39 4.36 14.85 -15.84
CA ASN B 39 5.64 15.47 -15.51
C ASN B 39 5.96 14.86 -14.13
N ILE B 40 6.85 13.88 -14.10
CA ILE B 40 7.22 13.22 -12.85
C ILE B 40 8.56 13.69 -12.28
N TYR B 41 8.56 14.14 -11.02
CA TYR B 41 9.79 14.56 -10.39
C TYR B 41 10.66 13.32 -10.15
N THR B 42 11.89 13.36 -10.64
CA THR B 42 12.82 12.24 -10.48
C THR B 42 14.19 12.84 -10.19
N ASP B 43 15.16 12.01 -9.83
CA ASP B 43 16.50 12.50 -9.54
C ASP B 43 17.57 11.54 -10.05
N GLU B 44 18.83 11.92 -9.90
CA GLU B 44 19.95 11.13 -10.38
C GLU B 44 20.09 9.74 -9.76
N SER B 45 19.52 9.55 -8.57
CA SER B 45 19.57 8.25 -7.88
C SER B 45 18.52 7.26 -8.35
N THR B 46 17.60 7.71 -9.21
CA THR B 46 16.51 6.86 -9.70
C THR B 46 17.00 6.02 -10.87
N LEU B 47 17.42 4.79 -10.59
CA LEU B 47 17.94 3.89 -11.62
C LEU B 47 16.87 3.28 -12.51
N VAL B 48 15.78 2.84 -11.91
CA VAL B 48 14.67 2.24 -12.66
C VAL B 48 13.41 2.81 -12.06
N SER B 49 12.58 3.42 -12.90
CA SER B 49 11.34 4.00 -12.42
C SER B 49 10.19 3.20 -12.99
N ILE B 50 9.02 3.81 -13.00
CA ILE B 50 7.79 3.18 -13.47
C ILE B 50 7.94 2.22 -14.65
N GLY B 51 7.55 0.97 -14.47
CA GLY B 51 7.63 0.06 -15.60
C GLY B 51 8.10 -1.36 -15.37
N ASP B 52 8.92 -1.57 -14.36
CA ASP B 52 9.44 -2.90 -14.11
C ASP B 52 8.70 -3.55 -12.93
N ASP B 53 9.25 -4.64 -12.42
CA ASP B 53 8.64 -5.32 -11.29
C ASP B 53 8.80 -4.54 -10.00
N ALA B 54 9.81 -3.69 -9.95
CA ALA B 54 10.06 -2.86 -8.78
C ALA B 54 10.81 -1.61 -9.19
N GLY B 55 10.76 -0.59 -8.33
CA GLY B 55 11.49 0.63 -8.59
C GLY B 55 12.89 0.39 -8.05
N VAL B 56 13.89 0.99 -8.69
CA VAL B 56 15.28 0.81 -8.26
C VAL B 56 15.89 2.17 -7.90
N TYR B 57 16.39 2.29 -6.67
CA TYR B 57 16.93 3.56 -6.20
C TYR B 57 18.28 3.40 -5.50
N GLU B 58 19.24 4.24 -5.91
CA GLU B 58 20.60 4.20 -5.38
C GLU B 58 20.86 5.21 -4.27
N HIS B 59 21.45 4.76 -3.16
CA HIS B 59 21.81 5.67 -2.08
C HIS B 59 23.18 5.30 -1.49
N ASN B 60 24.17 6.14 -1.76
CA ASN B 60 25.55 5.93 -1.32
C ASN B 60 26.07 4.55 -1.70
N GLY B 61 25.78 4.13 -2.92
CA GLY B 61 26.26 2.85 -3.39
C GLY B 61 25.35 1.68 -3.09
N ILE B 62 24.41 1.83 -2.15
CA ILE B 62 23.45 0.77 -1.82
C ILE B 62 22.30 0.81 -2.88
N ILE B 63 21.97 -0.33 -3.48
CA ILE B 63 20.90 -0.37 -4.47
C ILE B 63 19.63 -0.89 -3.81
N TRP B 64 18.65 -0.02 -3.60
CA TRP B 64 17.37 -0.42 -3.00
C TRP B 64 16.29 -0.65 -4.07
N VAL B 65 15.39 -1.61 -3.84
CA VAL B 65 14.30 -1.85 -4.77
C VAL B 65 13.01 -1.78 -3.94
N TYR B 66 11.96 -1.23 -4.54
CA TYR B 66 10.69 -1.04 -3.84
C TYR B 66 9.51 -1.54 -4.67
N THR B 67 8.61 -2.26 -4.03
CA THR B 67 7.44 -2.78 -4.72
C THR B 67 6.22 -2.84 -3.79
N VAL B 68 5.03 -2.86 -4.37
CA VAL B 68 3.80 -2.97 -3.61
C VAL B 68 2.80 -3.80 -4.42
N ASP B 69 2.04 -4.62 -3.71
CA ASP B 69 1.02 -5.46 -4.30
C ASP B 69 -0.01 -5.88 -3.24
N ILE B 70 -1.30 -5.75 -3.58
CA ILE B 70 -2.40 -6.17 -2.68
C ILE B 70 -3.37 -6.93 -3.54
N ILE B 71 -3.93 -8.01 -2.98
CA ILE B 71 -4.86 -8.85 -3.72
C ILE B 71 -6.11 -9.16 -2.92
N THR B 72 -7.15 -9.59 -3.62
CA THR B 72 -8.39 -10.00 -2.96
C THR B 72 -8.14 -11.46 -2.58
N PRO B 73 -9.02 -12.05 -1.74
CA PRO B 73 -8.82 -13.44 -1.34
C PRO B 73 -8.71 -14.40 -2.53
N VAL B 74 -7.80 -15.38 -2.44
CA VAL B 74 -7.64 -16.39 -3.50
C VAL B 74 -7.97 -17.81 -2.98
N VAL B 75 -8.23 -17.91 -1.68
CA VAL B 75 -8.62 -19.16 -1.02
C VAL B 75 -9.55 -18.72 0.11
N ASN B 76 -10.19 -19.66 0.79
CA ASN B 76 -11.11 -19.30 1.87
C ASN B 76 -10.42 -19.27 3.24
N ASP B 77 -9.27 -19.93 3.36
CA ASP B 77 -8.54 -19.96 4.64
C ASP B 77 -7.82 -18.62 4.80
N PRO B 78 -8.13 -17.87 5.87
CA PRO B 78 -7.52 -16.57 6.12
C PRO B 78 -6.01 -16.64 6.27
N TYR B 79 -5.53 -17.67 6.98
CA TYR B 79 -4.11 -17.85 7.22
C TYR B 79 -3.36 -18.10 5.93
N LEU B 80 -3.92 -18.95 5.07
CA LEU B 80 -3.29 -19.23 3.79
C LEU B 80 -3.30 -17.99 2.90
N TRP B 81 -4.40 -17.25 2.94
CA TRP B 81 -4.51 -16.04 2.12
C TRP B 81 -3.43 -15.02 2.47
N GLY B 82 -3.23 -14.81 3.77
CA GLY B 82 -2.23 -13.86 4.25
C GLY B 82 -0.83 -14.27 3.82
N ALA B 83 -0.54 -15.57 3.91
CA ALA B 83 0.75 -16.07 3.53
C ALA B 83 0.99 -16.03 2.02
N ILE B 84 -0.06 -16.29 1.24
CA ILE B 84 0.08 -16.26 -0.21
C ILE B 84 0.28 -14.82 -0.67
N SER B 85 -0.52 -13.92 -0.11
CA SER B 85 -0.42 -12.50 -0.42
C SER B 85 0.99 -12.00 -0.12
N THR B 86 1.55 -12.49 0.97
CA THR B 86 2.90 -12.09 1.38
C THR B 86 3.94 -12.61 0.38
N ALA B 87 3.83 -13.87 -0.03
CA ALA B 87 4.78 -14.43 -0.99
C ALA B 87 4.63 -13.69 -2.33
N ASN B 88 3.39 -13.35 -2.67
CA ASN B 88 3.10 -12.61 -3.89
C ASN B 88 3.77 -11.23 -3.89
N ALA B 89 3.71 -10.52 -2.76
CA ALA B 89 4.32 -9.19 -2.67
C ALA B 89 5.85 -9.24 -2.70
N LEU B 90 6.41 -10.23 -2.02
CA LEU B 90 7.87 -10.37 -1.99
C LEU B 90 8.40 -10.76 -3.37
N SER B 91 7.57 -11.46 -4.14
CA SER B 91 7.96 -11.93 -5.48
C SER B 91 8.64 -10.87 -6.37
N ASP B 92 8.13 -9.63 -6.38
CA ASP B 92 8.75 -8.59 -7.21
C ASP B 92 10.15 -8.16 -6.78
N VAL B 93 10.47 -8.29 -5.50
CA VAL B 93 11.82 -7.96 -5.04
C VAL B 93 12.75 -9.06 -5.64
N TYR B 94 12.34 -10.31 -5.50
CA TYR B 94 13.14 -11.44 -6.04
C TYR B 94 13.32 -11.32 -7.55
N ALA B 95 12.26 -10.88 -8.23
CA ALA B 95 12.27 -10.74 -9.68
C ALA B 95 13.25 -9.66 -10.18
N MET B 96 13.78 -8.86 -9.27
CA MET B 96 14.76 -7.81 -9.59
C MET B 96 16.15 -8.31 -9.19
N GLY B 97 16.18 -9.48 -8.54
CA GLY B 97 17.44 -10.03 -8.08
C GLY B 97 17.73 -9.50 -6.68
N GLY B 98 16.73 -8.88 -6.07
CA GLY B 98 16.92 -8.33 -4.74
C GLY B 98 16.60 -9.25 -3.57
N ILE B 99 16.99 -8.84 -2.38
CA ILE B 99 16.71 -9.59 -1.15
C ILE B 99 15.79 -8.69 -0.33
N PRO B 100 14.60 -9.18 0.05
CA PRO B 100 13.69 -8.34 0.84
C PRO B 100 14.21 -8.05 2.26
N VAL B 101 14.07 -6.80 2.69
CA VAL B 101 14.56 -6.34 3.98
C VAL B 101 13.46 -6.00 5.00
N ASN B 102 12.51 -5.15 4.62
CA ASN B 102 11.42 -4.78 5.53
C ASN B 102 10.14 -4.55 4.74
N ALA B 103 9.03 -4.41 5.45
CA ALA B 103 7.77 -4.25 4.77
C ALA B 103 6.71 -3.58 5.63
N LEU B 104 5.62 -3.21 4.97
CA LEU B 104 4.47 -2.56 5.59
C LEU B 104 3.25 -3.30 5.04
N ALA B 105 2.25 -3.52 5.89
CA ALA B 105 1.05 -4.23 5.48
C ALA B 105 -0.14 -3.34 5.18
N ILE B 106 -0.83 -3.62 4.06
CA ILE B 106 -2.00 -2.84 3.71
C ILE B 106 -3.20 -3.80 3.83
N SER B 107 -4.10 -3.49 4.75
CA SER B 107 -5.28 -4.32 4.99
C SER B 107 -6.61 -3.60 4.76
N CYS B 108 -7.44 -4.17 3.90
CA CYS B 108 -8.75 -3.61 3.62
C CYS B 108 -9.72 -4.69 4.07
N PHE B 109 -10.45 -4.42 5.15
CA PHE B 109 -11.37 -5.43 5.64
C PHE B 109 -12.63 -4.85 6.30
N ASN B 110 -13.72 -5.61 6.31
CA ASN B 110 -14.97 -5.13 6.91
C ASN B 110 -15.16 -5.80 8.26
N ASN B 111 -15.02 -5.02 9.33
CA ASN B 111 -15.13 -5.52 10.72
C ASN B 111 -16.46 -6.22 11.04
N CYS B 112 -17.45 -6.03 10.18
CA CYS B 112 -18.77 -6.61 10.41
C CYS B 112 -19.17 -7.69 9.42
N GLU B 113 -18.42 -7.81 8.32
CA GLU B 113 -18.72 -8.84 7.35
C GLU B 113 -17.67 -9.92 7.51
N LEU B 114 -16.93 -9.77 8.60
CA LEU B 114 -15.88 -10.67 9.03
C LEU B 114 -15.80 -10.40 10.52
N ASP B 115 -14.60 -10.49 11.08
CA ASP B 115 -14.40 -10.20 12.49
C ASP B 115 -12.92 -10.28 12.81
N ILE B 116 -12.53 -9.59 13.87
CA ILE B 116 -11.14 -9.55 14.26
C ILE B 116 -10.41 -10.89 14.22
N GLU B 117 -11.10 -11.97 14.58
CA GLU B 117 -10.44 -13.27 14.59
C GLU B 117 -9.94 -13.70 13.23
N ILE B 118 -10.73 -13.49 12.17
CA ILE B 118 -10.28 -13.87 10.84
C ILE B 118 -9.13 -12.96 10.43
N PHE B 119 -9.24 -11.68 10.76
CA PHE B 119 -8.21 -10.71 10.44
C PHE B 119 -6.90 -11.09 11.15
N ARG B 120 -7.00 -11.59 12.37
CA ARG B 120 -5.80 -11.99 13.09
C ARG B 120 -5.14 -13.16 12.39
N GLU B 121 -5.95 -14.01 11.77
CA GLU B 121 -5.43 -15.17 11.05
C GLU B 121 -4.68 -14.76 9.77
N VAL B 122 -5.19 -13.74 9.07
CA VAL B 122 -4.55 -13.23 7.85
C VAL B 122 -3.17 -12.68 8.26
N ILE B 123 -3.17 -11.86 9.30
CA ILE B 123 -1.93 -11.28 9.79
C ILE B 123 -0.94 -12.37 10.23
N ARG B 124 -1.43 -13.39 10.94
CA ARG B 124 -0.54 -14.47 11.39
C ARG B 124 0.11 -15.20 10.20
N GLY B 125 -0.65 -15.41 9.13
CA GLY B 125 -0.09 -16.07 7.98
C GLY B 125 1.00 -15.20 7.35
N ALA B 126 0.72 -13.90 7.26
CA ALA B 126 1.68 -12.94 6.70
C ALA B 126 2.98 -12.92 7.51
N LEU B 127 2.85 -12.84 8.84
CA LEU B 127 4.01 -12.80 9.73
C LEU B 127 4.88 -14.04 9.60
N ASP B 128 4.26 -15.21 9.50
CA ASP B 128 5.03 -16.43 9.37
C ASP B 128 5.78 -16.52 8.06
N LYS B 129 5.19 -16.00 6.99
CA LYS B 129 5.85 -16.01 5.69
C LYS B 129 6.99 -14.96 5.70
N LEU B 130 6.79 -13.81 6.35
CA LEU B 130 7.83 -12.79 6.41
C LEU B 130 9.01 -13.32 7.23
N ARG B 131 8.68 -14.08 8.27
CA ARG B 131 9.72 -14.67 9.13
C ARG B 131 10.60 -15.56 8.27
N GLU B 132 9.96 -16.38 7.45
CA GLU B 132 10.67 -17.29 6.55
C GLU B 132 11.53 -16.51 5.56
N ALA B 133 11.05 -15.34 5.18
CA ALA B 133 11.74 -14.48 4.23
C ALA B 133 12.75 -13.59 4.95
N LYS B 134 12.80 -13.70 6.27
CA LYS B 134 13.69 -12.86 7.10
C LYS B 134 13.44 -11.38 6.75
N THR B 135 12.16 -11.01 6.70
CA THR B 135 11.75 -9.66 6.36
C THR B 135 11.00 -9.12 7.55
N VAL B 136 11.39 -7.92 7.96
CA VAL B 136 10.78 -7.25 9.11
C VAL B 136 9.56 -6.40 8.78
N LEU B 137 8.43 -6.73 9.41
CA LEU B 137 7.19 -5.97 9.22
C LEU B 137 7.36 -4.73 10.10
N LEU B 138 7.26 -3.54 9.52
CA LEU B 138 7.48 -2.33 10.29
C LEU B 138 6.25 -1.51 10.62
N GLY B 139 5.11 -1.92 10.08
CA GLY B 139 3.88 -1.19 10.32
C GLY B 139 2.91 -1.44 9.18
N GLY B 140 1.96 -0.53 9.03
CA GLY B 140 0.97 -0.69 7.97
C GLY B 140 -0.17 0.28 8.14
N HIS B 141 -1.29 -0.02 7.47
CA HIS B 141 -2.51 0.79 7.55
C HIS B 141 -3.72 -0.13 7.33
N THR B 142 -4.75 0.12 8.10
CA THR B 142 -5.96 -0.68 8.02
C THR B 142 -7.12 0.21 7.69
N ILE B 143 -7.86 -0.18 6.65
CA ILE B 143 -9.00 0.59 6.23
C ILE B 143 -10.21 -0.33 6.07
N ASP B 144 -11.37 0.22 6.41
CA ASP B 144 -12.62 -0.51 6.33
C ASP B 144 -13.02 -0.61 4.86
N ASP B 145 -13.34 -1.82 4.44
CA ASP B 145 -13.71 -2.06 3.05
C ASP B 145 -14.62 -3.29 2.94
N LYS B 146 -15.69 -3.16 2.15
CA LYS B 146 -16.65 -4.25 1.90
C LYS B 146 -15.95 -5.43 1.20
N GLU B 147 -15.06 -5.11 0.27
CA GLU B 147 -14.30 -6.12 -0.47
C GLU B 147 -12.93 -6.33 0.19
N PRO B 148 -12.75 -7.42 0.95
CA PRO B 148 -11.47 -7.70 1.63
C PRO B 148 -10.27 -7.65 0.67
N LYS B 149 -9.17 -7.03 1.10
CA LYS B 149 -7.95 -6.93 0.30
C LYS B 149 -6.76 -6.97 1.25
N PHE B 150 -5.65 -7.54 0.79
CA PHE B 150 -4.46 -7.60 1.63
C PHE B 150 -3.16 -7.71 0.84
N GLY B 151 -2.12 -7.04 1.32
CA GLY B 151 -0.85 -7.08 0.65
C GLY B 151 0.18 -6.26 1.41
N LEU B 152 1.32 -6.05 0.78
CA LEU B 152 2.41 -5.30 1.41
C LEU B 152 3.18 -4.42 0.45
N SER B 153 3.84 -3.41 1.00
CA SER B 153 4.78 -2.63 0.20
C SER B 153 6.06 -3.24 0.80
N VAL B 154 7.07 -3.46 -0.02
CA VAL B 154 8.30 -4.07 0.45
C VAL B 154 9.54 -3.31 -0.03
N ALA B 155 10.58 -3.26 0.79
CA ALA B 155 11.82 -2.62 0.37
C ALA B 155 12.89 -3.71 0.47
N GLY B 156 13.72 -3.78 -0.55
CA GLY B 156 14.78 -4.77 -0.58
C GLY B 156 16.08 -4.18 -1.07
N ILE B 157 17.12 -5.00 -1.05
CA ILE B 157 18.43 -4.59 -1.47
C ILE B 157 19.04 -5.55 -2.48
N CYS B 158 19.69 -5.01 -3.50
CA CYS B 158 20.34 -5.83 -4.51
C CYS B 158 21.82 -5.90 -4.13
N PRO B 159 22.25 -7.02 -3.56
CA PRO B 159 23.66 -7.18 -3.16
C PRO B 159 24.58 -7.11 -4.39
N GLU B 160 25.66 -6.35 -4.22
CA GLU B 160 26.65 -6.15 -5.27
C GLU B 160 26.16 -5.29 -6.42
N GLY B 161 25.04 -4.60 -6.19
CA GLY B 161 24.50 -3.69 -7.18
C GLY B 161 23.89 -4.26 -8.44
N LYS B 162 23.62 -5.56 -8.43
CA LYS B 162 23.05 -6.16 -9.62
C LYS B 162 21.54 -6.24 -9.54
N TYR B 163 20.86 -5.47 -10.39
CA TYR B 163 19.42 -5.51 -10.43
C TYR B 163 19.10 -5.98 -11.83
N ILE B 164 18.15 -6.89 -11.95
CA ILE B 164 17.79 -7.43 -13.25
C ILE B 164 16.45 -6.86 -13.74
N THR B 165 16.46 -6.24 -14.90
CA THR B 165 15.24 -5.64 -15.45
C THR B 165 14.57 -6.52 -16.51
N GLN B 166 13.51 -6.00 -17.12
CA GLN B 166 12.79 -6.71 -18.17
C GLN B 166 13.35 -6.34 -19.53
N SER B 167 14.27 -5.38 -19.51
CA SER B 167 14.83 -4.80 -20.72
C SER B 167 16.13 -5.32 -21.36
N GLY B 168 16.89 -6.18 -20.67
CA GLY B 168 18.14 -6.62 -21.26
C GLY B 168 18.27 -7.92 -22.03
N ALA B 169 17.15 -8.46 -22.53
CA ALA B 169 17.23 -9.72 -23.27
C ALA B 169 17.60 -9.48 -24.72
N GLN B 170 18.11 -10.53 -25.36
CA GLN B 170 18.50 -10.47 -26.74
C GLN B 170 18.07 -11.75 -27.44
N VAL B 171 18.00 -11.68 -28.76
CA VAL B 171 17.61 -12.78 -29.61
C VAL B 171 18.46 -14.02 -29.33
N GLY B 172 17.88 -15.20 -29.49
CA GLY B 172 18.60 -16.44 -29.30
C GLY B 172 18.73 -16.97 -27.87
N GLN B 173 18.02 -16.36 -26.93
CA GLN B 173 18.13 -16.81 -25.55
C GLN B 173 16.99 -17.74 -25.13
N LEU B 174 17.22 -18.52 -24.09
CA LEU B 174 16.21 -19.44 -23.58
C LEU B 174 15.32 -18.79 -22.51
N LEU B 175 14.05 -19.15 -22.52
CA LEU B 175 13.05 -18.65 -21.59
C LEU B 175 12.83 -19.69 -20.51
N ILE B 176 13.15 -19.35 -19.27
CA ILE B 176 13.02 -20.26 -18.12
C ILE B 176 11.89 -19.79 -17.17
N LEU B 177 11.06 -20.74 -16.72
CA LEU B 177 9.94 -20.49 -15.80
C LEU B 177 10.11 -21.38 -14.55
N THR B 178 9.93 -20.84 -13.36
CA THR B 178 10.15 -21.63 -12.15
C THR B 178 8.94 -22.15 -11.34
N LYS B 179 7.73 -21.89 -11.82
CA LYS B 179 6.51 -22.39 -11.17
C LYS B 179 5.46 -22.63 -12.23
N PRO B 180 4.54 -23.56 -11.99
CA PRO B 180 3.50 -23.85 -12.97
C PRO B 180 2.50 -22.67 -13.08
N ILE B 181 1.76 -22.64 -14.18
CA ILE B 181 0.73 -21.63 -14.38
C ILE B 181 -0.61 -22.34 -14.23
N GLY B 182 -1.70 -21.56 -14.24
CA GLY B 182 -3.02 -22.16 -14.10
C GLY B 182 -3.78 -21.89 -12.81
N THR B 183 -3.16 -21.18 -11.85
CA THR B 183 -3.84 -20.88 -10.58
C THR B 183 -5.14 -20.07 -10.74
N GLY B 184 -5.16 -19.12 -11.67
CA GLY B 184 -6.36 -18.31 -11.89
C GLY B 184 -7.56 -19.18 -12.20
N ILE B 185 -7.35 -20.26 -12.94
CA ILE B 185 -8.46 -21.14 -13.26
C ILE B 185 -8.93 -21.91 -12.03
N LEU B 186 -7.97 -22.37 -11.23
CA LEU B 186 -8.26 -23.11 -9.98
C LEU B 186 -8.98 -22.20 -8.97
N ILE B 187 -8.53 -20.96 -8.87
CA ILE B 187 -9.17 -20.01 -7.97
C ILE B 187 -10.63 -19.77 -8.42
N LYS B 188 -10.85 -19.67 -9.73
CA LYS B 188 -12.22 -19.50 -10.26
C LYS B 188 -13.08 -20.72 -9.88
N GLY B 189 -12.50 -21.92 -9.99
CA GLY B 189 -13.24 -23.12 -9.62
C GLY B 189 -13.61 -23.13 -8.14
N LEU B 190 -12.72 -22.64 -7.28
CA LEU B 190 -13.02 -22.54 -5.85
C LEU B 190 -14.16 -21.54 -5.67
N LYS B 191 -14.09 -20.42 -6.37
CA LYS B 191 -15.14 -19.38 -6.27
C LYS B 191 -16.52 -19.88 -6.71
N GLU B 192 -16.54 -20.75 -7.72
CA GLU B 192 -17.82 -21.26 -8.21
C GLU B 192 -18.32 -22.44 -7.40
N GLY B 193 -17.58 -22.83 -6.37
CA GLY B 193 -17.97 -23.95 -5.53
C GLY B 193 -17.81 -25.30 -6.23
N ILE B 194 -17.00 -25.33 -7.29
CA ILE B 194 -16.77 -26.56 -8.02
C ILE B 194 -15.62 -27.35 -7.37
N LEU B 195 -14.63 -26.62 -6.84
CA LEU B 195 -13.46 -27.21 -6.21
C LEU B 195 -13.39 -26.82 -4.74
N LYS B 196 -12.52 -27.51 -4.01
CA LYS B 196 -12.26 -27.28 -2.59
C LYS B 196 -10.73 -27.19 -2.48
N GLU B 197 -10.23 -26.58 -1.41
CA GLU B 197 -8.78 -26.44 -1.21
C GLU B 197 -8.02 -27.73 -1.34
N GLU B 198 -8.63 -28.82 -0.89
CA GLU B 198 -8.01 -30.15 -0.95
C GLU B 198 -7.74 -30.64 -2.37
N ASP B 199 -8.42 -30.06 -3.35
CA ASP B 199 -8.20 -30.45 -4.74
C ASP B 199 -7.01 -29.73 -5.34
N ILE B 200 -6.50 -28.70 -4.65
CA ILE B 200 -5.39 -27.95 -5.23
C ILE B 200 -4.17 -27.72 -4.31
N ASN B 201 -3.87 -28.74 -3.50
CA ASN B 201 -2.76 -28.67 -2.57
C ASN B 201 -1.44 -28.32 -3.23
N GLU B 202 -1.19 -28.89 -4.41
CA GLU B 202 0.05 -28.61 -5.11
C GLU B 202 0.13 -27.14 -5.52
N ALA B 203 -0.98 -26.62 -6.06
CA ALA B 203 -1.03 -25.23 -6.47
C ALA B 203 -0.84 -24.30 -5.25
N ILE B 204 -1.47 -24.65 -4.13
CA ILE B 204 -1.33 -23.85 -2.91
C ILE B 204 0.14 -23.84 -2.45
N GLU B 205 0.79 -25.00 -2.46
CA GLU B 205 2.19 -25.07 -2.06
C GLU B 205 3.03 -24.12 -2.91
N ASN B 206 2.76 -24.10 -4.21
CA ASN B 206 3.52 -23.21 -5.10
C ASN B 206 3.21 -21.74 -4.89
N MET B 207 1.95 -21.41 -4.60
CA MET B 207 1.63 -20.02 -4.37
C MET B 207 2.25 -19.54 -3.06
N LEU B 208 2.44 -20.46 -2.10
CA LEU B 208 3.04 -20.11 -0.82
C LEU B 208 4.57 -19.98 -0.89
N ALA B 209 5.19 -20.72 -1.80
CA ALA B 209 6.66 -20.70 -1.90
C ALA B 209 7.27 -19.35 -2.31
N LEU B 210 8.30 -18.94 -1.58
CA LEU B 210 9.01 -17.69 -1.88
C LEU B 210 9.86 -17.91 -3.13
N ASN B 211 10.02 -16.87 -3.94
CA ASN B 211 10.85 -16.98 -5.15
C ASN B 211 12.33 -16.70 -4.85
N ASP B 212 12.79 -16.99 -3.62
CA ASP B 212 14.18 -16.75 -3.26
C ASP B 212 15.15 -17.73 -3.92
N LYS B 213 14.83 -19.02 -3.92
CA LYS B 213 15.70 -20.00 -4.56
C LYS B 213 15.73 -19.77 -6.07
N ALA B 214 14.60 -19.34 -6.63
CA ALA B 214 14.54 -19.08 -8.06
C ALA B 214 15.43 -17.88 -8.36
N ARG B 215 15.47 -16.91 -7.44
CA ARG B 215 16.30 -15.74 -7.63
C ARG B 215 17.77 -16.16 -7.68
N ASN B 216 18.16 -17.05 -6.77
CA ASN B 216 19.55 -17.55 -6.73
C ASN B 216 19.89 -18.28 -8.06
N LEU B 217 18.97 -19.08 -8.55
CA LEU B 217 19.21 -19.78 -9.80
C LEU B 217 19.39 -18.76 -10.93
N MET B 218 18.48 -17.78 -10.97
CA MET B 218 18.48 -16.74 -11.98
C MET B 218 19.80 -15.95 -11.94
N LEU B 219 20.25 -15.53 -10.76
CA LEU B 219 21.51 -14.81 -10.63
C LEU B 219 22.74 -15.68 -10.95
N SER B 220 22.68 -16.95 -10.58
CA SER B 220 23.79 -17.86 -10.80
C SER B 220 24.04 -18.07 -12.29
N LEU B 221 22.97 -18.05 -13.08
CA LEU B 221 23.06 -18.24 -14.51
C LEU B 221 23.24 -16.92 -15.24
N ASP B 222 23.42 -15.84 -14.49
CA ASP B 222 23.62 -14.54 -15.11
C ASP B 222 22.52 -14.18 -16.12
N ALA B 223 21.27 -14.44 -15.76
CA ALA B 223 20.13 -14.13 -16.62
C ALA B 223 20.22 -12.70 -17.14
N THR B 224 19.86 -12.48 -18.40
CA THR B 224 19.91 -11.13 -19.00
C THR B 224 18.65 -10.29 -18.67
N ALA B 225 17.53 -10.96 -18.43
CA ALA B 225 16.28 -10.27 -18.09
C ALA B 225 15.45 -11.20 -17.20
N CYS B 226 14.54 -10.63 -16.43
CA CYS B 226 13.72 -11.41 -15.51
C CYS B 226 12.46 -10.64 -15.10
N THR B 227 11.42 -11.38 -14.75
CA THR B 227 10.18 -10.81 -14.27
C THR B 227 9.50 -11.98 -13.59
N ASP B 228 8.34 -11.78 -12.97
CA ASP B 228 7.63 -12.91 -12.37
C ASP B 228 6.26 -12.98 -13.07
N VAL B 229 5.63 -14.15 -13.07
CA VAL B 229 4.35 -14.31 -13.76
C VAL B 229 3.19 -14.10 -12.82
N THR B 230 2.47 -13.01 -13.05
CA THR B 230 1.30 -12.72 -12.23
C THR B 230 0.03 -12.41 -13.03
N GLY B 231 -0.60 -11.27 -12.73
CA GLY B 231 -1.86 -10.90 -13.36
C GLY B 231 -2.08 -10.90 -14.87
N PHE B 232 -1.04 -10.68 -15.67
CA PHE B 232 -1.23 -10.64 -17.11
C PHE B 232 -1.08 -11.99 -17.79
N GLY B 233 -0.88 -13.04 -17.01
CA GLY B 233 -0.73 -14.36 -17.59
C GLY B 233 0.68 -14.59 -18.17
N LEU B 234 0.97 -15.83 -18.52
CA LEU B 234 2.29 -16.15 -19.07
C LEU B 234 2.58 -15.40 -20.36
N LEU B 235 1.63 -15.35 -21.30
CA LEU B 235 1.89 -14.64 -22.55
C LEU B 235 2.15 -13.16 -22.30
N GLY B 236 1.36 -12.56 -21.41
CA GLY B 236 1.49 -11.15 -21.12
C GLY B 236 2.80 -10.76 -20.45
N HIS B 237 3.24 -11.56 -19.48
CA HIS B 237 4.50 -11.24 -18.80
C HIS B 237 5.71 -11.59 -19.69
N ALA B 238 5.57 -12.61 -20.53
CA ALA B 238 6.64 -12.94 -21.47
C ALA B 238 6.73 -11.77 -22.45
N TRP B 239 5.58 -11.19 -22.76
CA TRP B 239 5.57 -10.07 -23.70
C TRP B 239 6.23 -8.82 -23.14
N ASN B 240 6.12 -8.60 -21.82
CA ASN B 240 6.75 -7.44 -21.19
C ASN B 240 8.26 -7.46 -21.44
N ILE B 241 8.86 -8.65 -21.36
CA ILE B 241 10.30 -8.77 -21.60
C ILE B 241 10.58 -8.46 -23.08
N CYS B 242 9.77 -9.07 -23.95
CA CYS B 242 9.90 -8.87 -25.39
C CYS B 242 9.84 -7.42 -25.81
N LYS B 243 8.79 -6.73 -25.39
CA LYS B 243 8.60 -5.33 -25.75
C LYS B 243 9.71 -4.43 -25.19
N ASN B 244 10.07 -4.62 -23.92
CA ASN B 244 11.11 -3.80 -23.33
C ASN B 244 12.49 -4.14 -23.88
N SER B 245 12.67 -5.37 -24.36
CA SER B 245 13.96 -5.77 -24.93
C SER B 245 13.96 -5.68 -26.46
N ASN B 246 12.85 -5.18 -27.01
CA ASN B 246 12.64 -5.02 -28.45
C ASN B 246 12.89 -6.29 -29.27
N ILE B 247 12.31 -7.39 -28.83
CA ILE B 247 12.46 -8.67 -29.50
C ILE B 247 11.11 -9.39 -29.43
N GLY B 248 11.09 -10.66 -29.86
CA GLY B 248 9.87 -11.44 -29.81
C GLY B 248 10.18 -12.74 -29.08
N ALA B 249 9.20 -13.63 -29.01
CA ALA B 249 9.42 -14.90 -28.35
C ALA B 249 8.63 -16.04 -28.96
N ARG B 250 9.22 -17.22 -28.86
CA ARG B 250 8.62 -18.45 -29.35
C ARG B 250 8.38 -19.30 -28.11
N ILE B 251 7.12 -19.63 -27.86
CA ILE B 251 6.78 -20.43 -26.69
C ILE B 251 6.16 -21.76 -27.11
N PHE B 252 6.73 -22.85 -26.61
CA PHE B 252 6.27 -24.19 -26.92
C PHE B 252 5.31 -24.67 -25.84
N PHE B 253 4.02 -24.71 -26.18
CA PHE B 253 2.99 -25.14 -25.23
C PHE B 253 3.34 -26.46 -24.56
N GLU B 254 3.85 -27.41 -25.33
CA GLU B 254 4.21 -28.72 -24.81
C GLU B 254 5.26 -28.69 -23.69
N LYS B 255 6.02 -27.59 -23.60
CA LYS B 255 7.04 -27.46 -22.56
C LYS B 255 6.55 -26.64 -21.35
N VAL B 256 5.37 -26.04 -21.47
CA VAL B 256 4.83 -25.20 -20.38
C VAL B 256 4.20 -25.97 -19.23
N PRO B 257 4.67 -25.71 -18.01
CA PRO B 257 4.13 -26.38 -16.81
C PRO B 257 2.79 -25.76 -16.35
N TYR B 258 1.82 -26.62 -16.07
CA TYR B 258 0.52 -26.15 -15.59
C TYR B 258 -0.20 -27.30 -14.91
N TYR B 259 -1.15 -26.98 -14.03
CA TYR B 259 -1.91 -27.99 -13.31
C TYR B 259 -2.94 -28.70 -14.20
N GLN B 260 -2.98 -30.02 -14.12
CA GLN B 260 -3.92 -30.82 -14.93
C GLN B 260 -5.35 -30.36 -14.72
N LEU B 261 -5.68 -30.03 -13.48
CA LEU B 261 -7.02 -29.58 -13.16
C LEU B 261 -7.35 -28.27 -13.89
N SER B 262 -6.33 -27.44 -14.18
CA SER B 262 -6.55 -26.16 -14.86
C SER B 262 -7.00 -26.41 -16.29
N GLU B 263 -6.41 -27.42 -16.92
CA GLU B 263 -6.78 -27.80 -18.28
C GLU B 263 -8.23 -28.32 -18.33
N ASN B 264 -8.59 -29.20 -17.38
CA ASN B 264 -9.94 -29.78 -17.34
C ASN B 264 -11.01 -28.71 -17.15
N LEU B 265 -10.73 -27.76 -16.26
CA LEU B 265 -11.63 -26.66 -16.03
C LEU B 265 -11.82 -25.72 -17.23
N VAL B 266 -10.73 -25.30 -17.88
CA VAL B 266 -10.90 -24.38 -19.02
C VAL B 266 -11.72 -24.98 -20.14
N LYS B 267 -11.53 -26.28 -20.38
CA LYS B 267 -12.27 -26.94 -21.43
C LYS B 267 -13.76 -26.90 -21.13
N LYS B 268 -14.14 -26.77 -19.86
CA LYS B 268 -15.57 -26.69 -19.55
C LYS B 268 -15.94 -25.25 -19.28
N LYS B 269 -15.12 -24.33 -19.76
CA LYS B 269 -15.37 -22.90 -19.58
C LYS B 269 -15.35 -22.37 -18.16
N ILE B 270 -14.57 -22.98 -17.28
CA ILE B 270 -14.46 -22.50 -15.90
C ILE B 270 -13.10 -21.81 -15.87
N TYR B 271 -13.12 -20.49 -16.05
CA TYR B 271 -11.89 -19.71 -16.05
C TYR B 271 -12.31 -18.26 -15.83
N PRO B 272 -11.42 -17.44 -15.26
CA PRO B 272 -11.73 -16.03 -15.01
C PRO B 272 -11.80 -15.19 -16.28
N LYS B 273 -12.67 -14.18 -16.27
CA LYS B 273 -12.80 -13.29 -17.43
C LYS B 273 -11.42 -12.66 -17.75
N GLY B 274 -10.60 -12.49 -16.70
CA GLY B 274 -9.27 -11.92 -16.90
C GLY B 274 -8.44 -12.66 -17.96
N ALA B 275 -8.69 -13.95 -18.14
CA ALA B 275 -7.97 -14.74 -19.13
C ALA B 275 -8.30 -14.25 -20.55
N ILE B 276 -9.58 -13.95 -20.81
CA ILE B 276 -10.01 -13.44 -22.12
C ILE B 276 -9.39 -12.04 -22.32
N GLU B 277 -9.39 -11.23 -21.26
CA GLU B 277 -8.83 -9.89 -21.36
C GLU B 277 -7.31 -9.92 -21.63
N ASN B 278 -6.61 -10.86 -21.01
CA ASN B 278 -5.17 -11.00 -21.23
C ASN B 278 -4.90 -11.48 -22.65
N LEU B 279 -5.75 -12.38 -23.12
CA LEU B 279 -5.60 -12.90 -24.47
C LEU B 279 -5.85 -11.73 -25.46
N ASN B 280 -6.85 -10.92 -25.19
CA ASN B 280 -7.14 -9.79 -26.07
C ASN B 280 -5.97 -8.77 -26.11
N PHE B 281 -5.30 -8.55 -24.98
CA PHE B 281 -4.17 -7.60 -24.95
C PHE B 281 -3.05 -7.98 -25.93
N VAL B 282 -2.80 -9.27 -26.10
CA VAL B 282 -1.73 -9.69 -27.00
C VAL B 282 -2.19 -10.12 -28.39
N LYS B 283 -3.46 -9.88 -28.72
CA LYS B 283 -4.01 -10.32 -30.01
C LYS B 283 -3.28 -9.85 -31.27
N ASN B 284 -2.77 -8.62 -31.26
CA ASN B 284 -2.07 -8.11 -32.43
C ASN B 284 -0.64 -8.58 -32.61
N TYR B 285 -0.11 -9.33 -31.65
CA TYR B 285 1.25 -9.84 -31.72
C TYR B 285 1.29 -11.36 -31.64
N LEU B 286 0.12 -11.97 -31.49
CA LEU B 286 0.00 -13.40 -31.37
C LEU B 286 -0.02 -14.13 -32.71
N LYS B 287 0.88 -15.11 -32.85
CA LYS B 287 0.98 -15.95 -34.02
C LYS B 287 0.84 -17.38 -33.53
N SER B 288 -0.31 -17.98 -33.79
CA SER B 288 -0.54 -19.34 -33.34
C SER B 288 -1.76 -19.97 -33.99
N ASN B 289 -1.75 -21.29 -34.09
CA ASN B 289 -2.91 -21.98 -34.62
C ASN B 289 -3.34 -23.07 -33.63
N LEU B 290 -2.87 -22.97 -32.38
CA LEU B 290 -3.22 -23.95 -31.33
C LEU B 290 -4.71 -23.86 -30.97
N ASP B 291 -5.27 -24.95 -30.43
CA ASP B 291 -6.67 -24.94 -29.99
C ASP B 291 -6.79 -23.83 -28.95
N ASN B 292 -7.92 -23.12 -28.95
CA ASN B 292 -8.08 -22.00 -28.02
C ASN B 292 -8.07 -22.27 -26.52
N TRP B 293 -8.39 -23.48 -26.07
CA TRP B 293 -8.32 -23.70 -24.62
C TRP B 293 -6.87 -23.53 -24.18
N LYS B 294 -5.93 -23.83 -25.08
CA LYS B 294 -4.51 -23.70 -24.79
C LYS B 294 -4.10 -22.22 -24.63
N LEU B 295 -4.58 -21.37 -25.53
CA LEU B 295 -4.27 -19.95 -25.48
C LEU B 295 -4.91 -19.30 -24.25
N ILE B 296 -6.10 -19.76 -23.88
CA ILE B 296 -6.81 -19.25 -22.70
C ILE B 296 -6.01 -19.60 -21.43
N LEU B 297 -5.56 -20.86 -21.36
CA LEU B 297 -4.77 -21.33 -20.21
C LEU B 297 -3.46 -20.54 -20.09
N LEU B 298 -2.79 -20.32 -21.21
CA LEU B 298 -1.54 -19.56 -21.23
C LEU B 298 -1.74 -18.07 -20.94
N SER B 299 -2.99 -17.59 -20.97
CA SER B 299 -3.30 -16.19 -20.72
C SER B 299 -3.92 -15.96 -19.35
N ASP B 300 -4.22 -17.07 -18.69
CA ASP B 300 -4.82 -17.07 -17.37
C ASP B 300 -3.99 -16.32 -16.32
N PRO B 301 -4.59 -15.40 -15.58
CA PRO B 301 -3.90 -14.64 -14.54
C PRO B 301 -3.31 -15.60 -13.50
N VAL B 302 -2.06 -15.37 -13.12
CA VAL B 302 -1.40 -16.22 -12.15
C VAL B 302 -1.25 -15.45 -10.85
N THR B 303 -1.31 -16.17 -9.74
CA THR B 303 -1.14 -15.57 -8.42
C THR B 303 0.16 -16.11 -7.82
N SER B 304 1.00 -15.21 -7.32
CA SER B 304 2.26 -15.59 -6.70
C SER B 304 2.96 -16.63 -7.57
N GLY B 305 3.15 -16.27 -8.84
CA GLY B 305 3.76 -17.18 -9.80
C GLY B 305 5.27 -17.26 -9.70
N GLY B 306 5.89 -18.00 -10.61
CA GLY B 306 7.33 -18.13 -10.56
C GLY B 306 8.07 -17.06 -11.32
N LEU B 307 9.40 -17.15 -11.34
CA LEU B 307 10.20 -16.18 -12.11
C LEU B 307 10.25 -16.65 -13.55
N LEU B 308 10.36 -15.69 -14.46
CA LEU B 308 10.45 -15.96 -15.90
C LEU B 308 11.68 -15.18 -16.36
N PHE B 309 12.73 -15.89 -16.78
CA PHE B 309 13.94 -15.18 -17.18
C PHE B 309 14.64 -15.77 -18.39
N THR B 310 15.51 -14.97 -18.99
CA THR B 310 16.25 -15.37 -20.17
C THR B 310 17.72 -15.59 -19.87
N ILE B 311 18.28 -16.65 -20.46
CA ILE B 311 19.69 -17.00 -20.30
C ILE B 311 20.25 -17.41 -21.66
N ASN B 312 21.54 -17.16 -21.86
CA ASN B 312 22.19 -17.55 -23.10
C ASN B 312 22.21 -19.06 -23.18
N LYS B 313 22.09 -19.57 -24.40
CA LYS B 313 22.07 -20.99 -24.66
C LYS B 313 23.15 -21.84 -23.99
N GLU B 314 24.34 -21.28 -23.78
CA GLU B 314 25.39 -22.08 -23.17
C GLU B 314 25.27 -22.33 -21.67
N LYS B 315 24.31 -21.68 -21.02
CA LYS B 315 24.14 -21.89 -19.58
C LYS B 315 23.49 -23.26 -19.30
N LEU B 316 22.89 -23.87 -20.31
CA LEU B 316 22.25 -25.17 -20.13
C LEU B 316 23.16 -26.16 -19.43
N GLU B 317 24.44 -26.10 -19.78
CA GLU B 317 25.42 -27.00 -19.21
C GLU B 317 25.41 -27.02 -17.69
N LYS B 318 24.97 -25.93 -17.06
CA LYS B 318 24.97 -25.89 -15.60
C LYS B 318 23.59 -25.62 -14.98
N ILE B 319 22.59 -25.39 -15.83
CA ILE B 319 21.24 -25.09 -15.35
C ILE B 319 20.72 -26.18 -14.42
N ASP B 320 20.92 -27.43 -14.82
CA ASP B 320 20.43 -28.56 -14.05
C ASP B 320 21.14 -28.84 -12.73
N GLU B 321 22.46 -28.81 -12.75
CA GLU B 321 23.21 -29.06 -11.54
C GLU B 321 22.95 -27.92 -10.53
N THR B 322 22.93 -26.69 -11.03
CA THR B 322 22.70 -25.52 -10.19
C THR B 322 21.31 -25.57 -9.55
N ALA B 323 20.31 -26.01 -10.32
CA ALA B 323 18.94 -26.09 -9.84
C ALA B 323 18.73 -27.15 -8.76
N LYS B 324 19.38 -28.31 -8.94
CA LYS B 324 19.27 -29.39 -7.97
C LYS B 324 19.91 -28.94 -6.67
N GLU B 325 21.06 -28.28 -6.82
CA GLU B 325 21.79 -27.79 -5.68
C GLU B 325 20.88 -26.82 -4.92
N LEU B 326 20.25 -25.90 -5.66
CA LEU B 326 19.36 -24.92 -5.02
C LEU B 326 18.00 -25.44 -4.61
N GLU B 327 17.66 -26.66 -5.03
CA GLU B 327 16.36 -27.24 -4.70
C GLU B 327 15.18 -26.48 -5.29
N VAL B 328 15.28 -26.14 -6.57
CA VAL B 328 14.18 -25.41 -7.23
C VAL B 328 13.91 -26.01 -8.60
N ASN B 329 12.64 -26.07 -8.99
CA ASN B 329 12.28 -26.60 -10.30
C ASN B 329 12.40 -25.53 -11.35
N TYR B 330 12.50 -25.95 -12.60
CA TYR B 330 12.59 -25.01 -13.70
C TYR B 330 12.10 -25.72 -14.95
N TRP B 331 11.58 -24.95 -15.88
CA TRP B 331 11.08 -25.49 -17.13
C TRP B 331 11.55 -24.54 -18.21
N ILE B 332 12.16 -25.08 -19.25
CA ILE B 332 12.63 -24.28 -20.38
C ILE B 332 11.43 -24.24 -21.32
N ILE B 333 10.76 -23.09 -21.39
CA ILE B 333 9.54 -23.02 -22.20
C ILE B 333 9.65 -22.36 -23.57
N GLY B 334 10.80 -21.79 -23.89
CA GLY B 334 10.93 -21.14 -25.18
C GLY B 334 12.23 -20.41 -25.42
N GLU B 335 12.24 -19.59 -26.47
CA GLU B 335 13.41 -18.83 -26.84
C GLU B 335 13.01 -17.52 -27.48
N THR B 336 13.87 -16.52 -27.32
CA THR B 336 13.62 -15.22 -27.90
C THR B 336 13.96 -15.25 -29.39
N ILE B 337 13.30 -14.39 -30.16
CA ILE B 337 13.52 -14.33 -31.60
C ILE B 337 13.56 -12.89 -32.07
N ALA B 338 14.00 -12.69 -33.31
CA ALA B 338 14.12 -11.34 -33.86
C ALA B 338 12.78 -10.69 -34.20
N GLU B 339 11.87 -11.47 -34.75
CA GLU B 339 10.56 -10.93 -35.13
C GLU B 339 9.83 -10.51 -33.86
N ASN B 340 9.55 -9.22 -33.72
CA ASN B 340 8.84 -8.71 -32.54
C ASN B 340 7.40 -9.18 -32.62
N VAL B 341 7.22 -10.46 -32.30
CA VAL B 341 5.92 -11.10 -32.33
C VAL B 341 5.93 -12.16 -31.23
N LEU B 342 4.74 -12.63 -30.88
CA LEU B 342 4.58 -13.63 -29.85
C LEU B 342 4.10 -14.90 -30.55
N GLU B 343 5.02 -15.83 -30.77
CA GLU B 343 4.73 -17.08 -31.45
C GLU B 343 4.48 -18.22 -30.45
N VAL B 344 3.29 -18.81 -30.49
CA VAL B 344 2.97 -19.87 -29.56
C VAL B 344 2.72 -21.17 -30.30
N LEU B 345 3.68 -22.08 -30.19
CA LEU B 345 3.64 -23.39 -30.87
C LEU B 345 3.51 -24.55 -29.91
#